data_6J1M
#
_entry.id   6J1M
#
_cell.length_a   108.144
_cell.length_b   108.144
_cell.length_c   191.075
_cell.angle_alpha   90.000
_cell.angle_beta   90.000
_cell.angle_gamma   120.000
#
_symmetry.space_group_name_H-M   'P 32 2 1'
#
loop_
_entity.id
_entity.type
_entity.pdbx_description
1 polymer 'A. acutangulus PKS2'
2 non-polymer '3-oxopentanedioic acid'
3 non-polymer 1,2-ETHANEDIOL
4 water water
#
_entity_poly.entity_id   1
_entity_poly.type   'polypeptide(L)'
_entity_poly.pdbx_seq_one_letter_code
;MGSSHHHHHHSSGLVPRGSHMASMTGGQQMGRGSEFMKMGNGKQALKSQRSEGPALVLAIGTATPSHWIDQSSYPDYYFR
VTNSDHLVDLKEKFRRICSRTMIKKRHMLLTEEILKKNPNLCSFSEPSLDIRQDILVSEIPKLGKEAALKAIQEWAQPKS
TITHLVFCTRSGVDMPGADYQLIKLLGLGPSVQRLMMYQQGCFAGGTMLRLAKDLAENNKGARILVICAESSAIGFRGPS
ESHVDNLVAQALFGDGAAAIIVGSNPKPGLEKPVFEIVSAAQTFVPNGDCHLALHLREMGLTFHCTKDVPPTIAKNVESC
LTKALEPLGISDWNSLFWILHPGGNAIVDQVENKLGLEHEKLRATRNILRDFGNMSSACVLFILDEIRKKSARDGLKTTG
EGLDFGVLLSFGPGLTIETVVLHSKPI
;
_entity_poly.pdbx_strand_id   A,B
#
# COMPACT_ATOMS: atom_id res chain seq x y z
N LYS A 47 -10.47 21.62 -18.67
CA LYS A 47 -10.26 20.20 -18.36
C LYS A 47 -11.44 19.64 -17.59
N SER A 48 -11.76 20.27 -16.46
CA SER A 48 -12.94 19.86 -15.68
C SER A 48 -14.23 19.97 -16.50
N GLN A 49 -14.19 20.61 -17.68
CA GLN A 49 -15.35 20.80 -18.54
C GLN A 49 -15.38 19.88 -19.76
N ARG A 50 -14.38 19.02 -19.95
CA ARG A 50 -14.26 18.20 -21.15
C ARG A 50 -14.85 16.79 -20.95
N SER A 51 -15.12 16.11 -22.08
CA SER A 51 -15.52 14.70 -22.07
C SER A 51 -14.30 13.78 -21.93
N GLU A 52 -13.19 14.04 -22.64
CA GLU A 52 -11.88 13.56 -22.19
C GLU A 52 -11.51 14.32 -20.93
N GLY A 53 -12.37 14.21 -19.94
CA GLY A 53 -12.28 15.05 -18.79
C GLY A 53 -12.27 14.21 -17.54
N PRO A 54 -13.17 14.51 -16.63
CA PRO A 54 -12.99 14.10 -15.25
C PRO A 54 -13.26 12.61 -15.06
N ALA A 55 -12.60 12.06 -14.04
CA ALA A 55 -12.83 10.67 -13.64
C ALA A 55 -14.26 10.51 -13.15
N LEU A 56 -14.91 9.43 -13.58
CA LEU A 56 -16.29 9.15 -13.22
C LEU A 56 -16.38 7.79 -12.56
N VAL A 57 -17.25 7.68 -11.56
CA VAL A 57 -17.68 6.39 -11.05
C VAL A 57 -18.71 5.83 -12.03
N LEU A 58 -18.38 4.71 -12.68
CA LEU A 58 -19.23 4.11 -13.70
C LEU A 58 -20.07 2.96 -13.18
N ALA A 59 -19.78 2.45 -11.99
CA ALA A 59 -20.53 1.34 -11.42
C ALA A 59 -20.05 1.15 -9.99
N ILE A 60 -20.93 0.58 -9.15
CA ILE A 60 -20.64 0.27 -7.75
C ILE A 60 -21.25 -1.08 -7.45
N GLY A 61 -20.46 -1.98 -6.87
CA GLY A 61 -20.98 -3.25 -6.39
C GLY A 61 -20.48 -3.50 -4.98
N THR A 62 -21.26 -4.28 -4.21
CA THR A 62 -20.91 -4.57 -2.82
C THR A 62 -21.17 -6.03 -2.52
N ALA A 63 -20.51 -6.54 -1.48
CA ALA A 63 -20.64 -7.95 -1.08
C ALA A 63 -20.30 -8.07 0.40
N THR A 64 -20.90 -9.04 1.07
CA THR A 64 -20.62 -9.34 2.47
C THR A 64 -20.49 -10.84 2.64
N PRO A 65 -19.78 -11.29 3.67
CA PRO A 65 -19.86 -12.71 4.04
C PRO A 65 -21.30 -13.11 4.30
N SER A 66 -21.65 -14.33 3.99
CA SER A 66 -23.01 -14.75 4.22
C SER A 66 -23.36 -14.82 5.70
N HIS A 67 -22.43 -15.18 6.56
CA HIS A 67 -22.71 -15.26 7.97
C HIS A 67 -22.89 -13.88 8.59
N TRP A 68 -23.88 -13.77 9.43
CA TRP A 68 -24.17 -12.54 10.09
C TRP A 68 -24.65 -12.71 11.51
N ILE A 69 -24.49 -11.68 12.28
CA ILE A 69 -24.90 -11.68 13.64
C ILE A 69 -25.58 -10.41 14.02
N ASP A 70 -26.67 -10.58 14.68
CA ASP A 70 -27.47 -9.54 15.18
C ASP A 70 -26.85 -8.82 16.34
N GLN A 71 -26.80 -7.51 16.31
CA GLN A 71 -26.21 -6.74 17.36
C GLN A 71 -26.91 -6.89 18.73
N SER A 72 -28.21 -7.03 18.76
CA SER A 72 -28.94 -7.20 20.02
C SER A 72 -28.47 -8.45 20.75
N SER A 73 -28.22 -9.53 20.03
CA SER A 73 -27.73 -10.76 20.63
C SER A 73 -26.21 -10.91 20.58
N TYR A 74 -25.47 -9.88 20.16
CA TYR A 74 -24.02 -10.07 20.08
C TYR A 74 -23.36 -10.20 21.46
N PRO A 75 -23.75 -9.45 22.49
CA PRO A 75 -23.08 -9.67 23.80
C PRO A 75 -23.19 -11.12 24.27
N ASP A 76 -24.36 -11.74 24.11
CA ASP A 76 -24.49 -13.14 24.49
C ASP A 76 -23.60 -14.04 23.65
N TYR A 77 -23.59 -13.84 22.33
CA TYR A 77 -22.74 -14.64 21.45
C TYR A 77 -21.27 -14.49 21.85
N TYR A 78 -20.83 -13.25 21.99
CA TYR A 78 -19.42 -12.96 22.19
C TYR A 78 -18.92 -13.50 23.52
N PHE A 79 -19.66 -13.25 24.61
CA PHE A 79 -19.19 -13.78 25.89
C PHE A 79 -19.33 -15.29 25.98
N ARG A 80 -20.29 -15.90 25.27
CA ARG A 80 -20.37 -17.35 25.28
C ARG A 80 -19.21 -17.98 24.50
N VAL A 81 -19.02 -17.56 23.25
CA VAL A 81 -18.07 -18.25 22.39
C VAL A 81 -16.62 -18.03 22.84
N THR A 82 -16.35 -16.96 23.58
CA THR A 82 -15.04 -16.75 24.15
C THR A 82 -14.92 -17.27 25.59
N ASN A 83 -15.89 -18.05 26.08
CA ASN A 83 -15.86 -18.63 27.42
C ASN A 83 -15.64 -17.58 28.50
N SER A 84 -16.43 -16.52 28.44
CA SER A 84 -16.21 -15.38 29.33
C SER A 84 -17.46 -15.04 30.13
N ASP A 85 -18.44 -15.96 30.17
CA ASP A 85 -19.70 -15.63 30.83
C ASP A 85 -19.55 -15.39 32.33
N HIS A 86 -18.44 -15.82 32.93
CA HIS A 86 -18.19 -15.47 34.32
C HIS A 86 -17.86 -14.01 34.53
N LEU A 87 -17.58 -13.25 33.47
CA LEU A 87 -17.28 -11.82 33.61
C LEU A 87 -18.56 -10.99 33.50
N VAL A 88 -19.36 -11.07 34.56
CA VAL A 88 -20.74 -10.58 34.52
C VAL A 88 -20.78 -9.06 34.34
N ASP A 89 -19.96 -8.33 35.12
CA ASP A 89 -19.97 -6.87 35.01
C ASP A 89 -19.44 -6.42 33.64
N LEU A 90 -18.41 -7.10 33.14
CA LEU A 90 -17.86 -6.75 31.84
C LEU A 90 -18.89 -6.98 30.73
N LYS A 91 -19.64 -8.05 30.82
CA LYS A 91 -20.68 -8.30 29.86
C LYS A 91 -21.72 -7.19 29.83
N GLU A 92 -22.13 -6.71 30.99
CA GLU A 92 -23.11 -5.65 31.04
C GLU A 92 -22.54 -4.35 30.45
N LYS A 93 -21.27 -4.12 30.65
CA LYS A 93 -20.62 -3.00 30.06
C LYS A 93 -20.69 -3.16 28.53
N PHE A 94 -20.44 -4.35 28.05
CA PHE A 94 -20.47 -4.61 26.62
C PHE A 94 -21.87 -4.45 26.06
N ARG A 95 -22.90 -4.86 26.80
CA ARG A 95 -24.26 -4.62 26.31
C ARG A 95 -24.52 -3.15 26.14
N ARG A 96 -24.08 -2.35 27.11
CA ARG A 96 -24.29 -0.92 26.96
C ARG A 96 -23.53 -0.36 25.75
N ILE A 97 -22.30 -0.83 25.53
CA ILE A 97 -21.53 -0.36 24.38
C ILE A 97 -22.24 -0.73 23.07
N CYS A 98 -22.61 -2.00 22.94
CA CYS A 98 -23.34 -2.46 21.76
C CYS A 98 -24.63 -1.67 21.57
N SER A 99 -25.34 -1.37 22.66
CA SER A 99 -26.55 -0.57 22.55
C SER A 99 -26.27 0.81 21.96
N ARG A 100 -25.17 1.42 22.37
CA ARG A 100 -24.92 2.77 21.86
C ARG A 100 -24.40 2.79 20.42
N THR A 101 -24.07 1.63 19.83
CA THR A 101 -23.45 1.69 18.49
C THR A 101 -24.43 2.12 17.39
N MET A 102 -25.73 1.87 17.57
CA MET A 102 -26.74 2.07 16.50
C MET A 102 -26.47 1.15 15.31
N ILE A 103 -25.84 0.02 15.60
CA ILE A 103 -25.61 -1.04 14.63
C ILE A 103 -26.65 -2.11 14.91
N LYS A 104 -27.28 -2.61 13.85
CA LYS A 104 -28.24 -3.68 14.03
C LYS A 104 -27.69 -5.04 13.63
N LYS A 105 -26.76 -5.09 12.67
CA LYS A 105 -26.16 -6.38 12.36
C LYS A 105 -24.83 -6.15 11.69
N ARG A 106 -23.99 -7.18 11.74
CA ARG A 106 -22.69 -7.18 11.11
C ARG A 106 -22.48 -8.53 10.46
N HIS A 107 -21.88 -8.52 9.28
CA HIS A 107 -21.47 -9.74 8.64
C HIS A 107 -20.02 -10.06 9.05
N MET A 108 -19.70 -11.34 9.09
CA MET A 108 -18.48 -11.84 9.74
C MET A 108 -17.95 -13.04 8.99
N LEU A 109 -16.73 -13.00 8.58
CA LEU A 109 -16.08 -14.15 8.04
C LEU A 109 -15.88 -15.18 9.18
N LEU A 110 -15.64 -14.73 10.41
CA LEU A 110 -15.35 -15.65 11.51
C LEU A 110 -16.64 -16.31 12.00
N THR A 111 -16.70 -17.62 11.95
CA THR A 111 -17.84 -18.38 12.41
C THR A 111 -17.54 -19.03 13.76
N GLU A 112 -18.59 -19.47 14.44
CA GLU A 112 -18.42 -20.24 15.66
C GLU A 112 -17.48 -21.43 15.46
N GLU A 113 -17.62 -22.13 14.33
CA GLU A 113 -16.76 -23.29 14.05
C GLU A 113 -15.29 -22.89 13.98
N ILE A 114 -14.99 -21.75 13.35
CA ILE A 114 -13.60 -21.32 13.24
C ILE A 114 -13.07 -20.93 14.60
N LEU A 115 -13.86 -20.19 15.39
CA LEU A 115 -13.43 -19.80 16.72
C LEU A 115 -13.17 -21.02 17.60
N LYS A 116 -14.00 -22.06 17.48
CA LYS A 116 -13.81 -23.23 18.31
C LYS A 116 -12.61 -24.04 17.84
N LYS A 117 -12.34 -24.08 16.54
CA LYS A 117 -11.12 -24.75 16.10
C LYS A 117 -9.85 -23.97 16.43
N ASN A 118 -9.94 -22.69 16.79
CA ASN A 118 -8.76 -21.83 16.97
C ASN A 118 -8.90 -21.02 18.24
N PRO A 119 -8.72 -21.64 19.41
CA PRO A 119 -9.01 -20.94 20.66
C PRO A 119 -8.10 -19.77 20.94
N ASN A 120 -6.91 -19.71 20.33
CA ASN A 120 -6.11 -18.48 20.41
C ASN A 120 -6.89 -17.26 19.94
N LEU A 121 -7.78 -17.44 18.96
CA LEU A 121 -8.62 -16.32 18.52
C LEU A 121 -9.52 -15.84 19.62
N CYS A 122 -9.94 -16.74 20.53
CA CYS A 122 -10.84 -16.35 21.61
C CYS A 122 -10.13 -15.78 22.81
N SER A 123 -8.80 -15.88 22.88
CA SER A 123 -8.06 -15.25 23.95
C SER A 123 -7.96 -13.75 23.71
N PHE A 124 -7.47 -13.02 24.71
CA PHE A 124 -7.23 -11.60 24.49
C PHE A 124 -5.95 -11.35 23.70
N SER A 125 -4.86 -12.04 24.01
CA SER A 125 -3.60 -11.65 23.41
C SER A 125 -2.63 -12.80 23.19
N GLU A 126 -3.10 -14.03 23.12
CA GLU A 126 -2.20 -15.11 22.74
C GLU A 126 -1.79 -14.96 21.27
N PRO A 127 -0.61 -15.50 20.87
CA PRO A 127 -0.20 -15.42 19.46
C PRO A 127 -1.29 -15.90 18.52
N SER A 128 -1.72 -15.04 17.59
CA SER A 128 -2.84 -15.36 16.71
C SER A 128 -2.67 -14.86 15.28
N LEU A 129 -1.61 -14.10 14.97
CA LEU A 129 -1.49 -13.53 13.62
C LEU A 129 -1.47 -14.62 12.56
N ASP A 130 -0.84 -15.77 12.84
CA ASP A 130 -0.73 -16.77 11.78
C ASP A 130 -2.10 -17.32 11.38
N ILE A 131 -2.99 -17.56 12.34
CA ILE A 131 -4.29 -18.07 11.93
CA ILE A 131 -4.34 -18.04 12.04
C ILE A 131 -5.12 -16.97 11.26
N ARG A 132 -5.04 -15.73 11.73
CA ARG A 132 -5.72 -14.63 11.06
C ARG A 132 -5.24 -14.48 9.62
N GLN A 133 -3.93 -14.60 9.40
CA GLN A 133 -3.38 -14.53 8.04
C GLN A 133 -3.86 -15.69 7.19
N ASP A 134 -3.86 -16.91 7.74
CA ASP A 134 -4.34 -18.05 6.96
C ASP A 134 -5.76 -17.85 6.49
N ILE A 135 -6.61 -17.29 7.35
CA ILE A 135 -7.99 -17.03 6.94
C ILE A 135 -8.06 -15.89 5.92
N LEU A 136 -7.45 -14.75 6.24
CA LEU A 136 -7.68 -13.51 5.52
C LEU A 136 -7.00 -13.50 4.15
N VAL A 137 -5.83 -14.13 4.02
CA VAL A 137 -5.10 -14.09 2.76
C VAL A 137 -5.89 -14.78 1.66
N SER A 138 -6.72 -15.74 2.04
CA SER A 138 -7.61 -16.43 1.12
C SER A 138 -8.96 -15.72 0.98
N GLU A 139 -9.58 -15.33 2.10
CA GLU A 139 -10.96 -14.88 2.06
C GLU A 139 -11.09 -13.44 1.57
N ILE A 140 -10.11 -12.58 1.83
CA ILE A 140 -10.25 -11.17 1.42
C ILE A 140 -10.32 -11.04 -0.11
N PRO A 141 -9.42 -11.64 -0.89
CA PRO A 141 -9.60 -11.56 -2.35
C PRO A 141 -10.92 -12.18 -2.83
N LYS A 142 -11.41 -13.25 -2.20
CA LYS A 142 -12.68 -13.85 -2.65
C LYS A 142 -13.85 -12.93 -2.42
N LEU A 143 -13.86 -12.26 -1.26
CA LEU A 143 -14.90 -11.28 -1.00
C LEU A 143 -14.79 -10.09 -1.97
N GLY A 144 -13.56 -9.62 -2.21
CA GLY A 144 -13.37 -8.57 -3.21
C GLY A 144 -13.89 -9.01 -4.57
N LYS A 145 -13.66 -10.27 -4.93
CA LYS A 145 -14.15 -10.79 -6.21
C LYS A 145 -15.67 -10.72 -6.30
N GLU A 146 -16.36 -11.05 -5.20
CA GLU A 146 -17.82 -11.00 -5.25
C GLU A 146 -18.31 -9.58 -5.51
N ALA A 147 -17.73 -8.60 -4.79
CA ALA A 147 -18.11 -7.21 -5.04
C ALA A 147 -17.78 -6.80 -6.47
N ALA A 148 -16.63 -7.24 -6.97
CA ALA A 148 -16.18 -6.84 -8.30
C ALA A 148 -17.14 -7.36 -9.37
N LEU A 149 -17.58 -8.62 -9.24
CA LEU A 149 -18.51 -9.19 -10.21
C LEU A 149 -19.79 -8.37 -10.28
N LYS A 150 -20.28 -7.91 -9.12
CA LYS A 150 -21.48 -7.05 -9.14
C LYS A 150 -21.22 -5.69 -9.80
N ALA A 151 -20.05 -5.09 -9.55
CA ALA A 151 -19.76 -3.82 -10.22
C ALA A 151 -19.63 -4.02 -11.74
N ILE A 152 -18.95 -5.09 -12.16
CA ILE A 152 -18.76 -5.35 -13.59
C ILE A 152 -20.09 -5.64 -14.27
N GLN A 153 -21.00 -6.33 -13.57
CA GLN A 153 -22.33 -6.57 -14.09
C GLN A 153 -23.07 -5.25 -14.33
N GLU A 154 -23.04 -4.34 -13.35
CA GLU A 154 -23.67 -3.04 -13.59
C GLU A 154 -22.99 -2.30 -14.75
N TRP A 155 -21.67 -2.31 -14.78
CA TRP A 155 -20.92 -1.58 -15.80
C TRP A 155 -21.27 -2.09 -17.19
N ALA A 156 -21.42 -3.41 -17.33
CA ALA A 156 -21.89 -4.08 -18.53
C ALA A 156 -20.86 -4.04 -19.66
N GLN A 157 -19.60 -3.77 -19.37
CA GLN A 157 -18.58 -3.91 -20.38
C GLN A 157 -17.79 -5.17 -20.15
N PRO A 158 -17.05 -5.68 -21.13
CA PRO A 158 -16.29 -6.91 -20.91
C PRO A 158 -15.19 -6.69 -19.87
N LYS A 159 -15.05 -7.65 -18.95
CA LYS A 159 -14.03 -7.51 -17.91
C LYS A 159 -12.62 -7.44 -18.49
N SER A 160 -12.43 -7.91 -19.72
CA SER A 160 -11.11 -7.82 -20.32
C SER A 160 -10.74 -6.39 -20.68
N THR A 161 -11.67 -5.43 -20.63
CA THR A 161 -11.31 -4.04 -20.90
C THR A 161 -10.91 -3.27 -19.64
N ILE A 162 -10.93 -3.92 -18.47
CA ILE A 162 -10.34 -3.31 -17.28
C ILE A 162 -8.83 -3.21 -17.48
N THR A 163 -8.27 -2.03 -17.29
CA THR A 163 -6.84 -1.84 -17.51
C THR A 163 -6.03 -1.74 -16.23
N HIS A 164 -6.65 -1.37 -15.11
CA HIS A 164 -5.98 -1.12 -13.85
C HIS A 164 -6.79 -1.73 -12.73
N LEU A 165 -6.11 -2.15 -11.68
CA LEU A 165 -6.74 -2.67 -10.47
C LEU A 165 -6.08 -2.04 -9.25
N VAL A 166 -6.91 -1.47 -8.38
CA VAL A 166 -6.48 -0.95 -7.08
C VAL A 166 -7.20 -1.77 -6.02
N PHE A 167 -6.43 -2.41 -5.14
CA PHE A 167 -7.00 -3.23 -4.08
C PHE A 167 -6.57 -2.63 -2.74
N CYS A 168 -7.52 -2.46 -1.83
CA CYS A 168 -7.30 -1.78 -0.56
C CYS A 168 -7.85 -2.64 0.57
N THR A 169 -7.05 -2.90 1.60
CA THR A 169 -7.51 -3.64 2.78
C THR A 169 -6.58 -3.34 3.95
N ARG A 170 -7.10 -3.36 5.18
CA ARG A 170 -6.21 -3.45 6.32
C ARG A 170 -6.25 -4.82 6.98
N SER A 171 -6.81 -5.83 6.31
CA SER A 171 -7.12 -7.13 6.91
C SER A 171 -6.20 -8.21 6.33
N GLY A 172 -5.00 -8.33 6.91
CA GLY A 172 -4.03 -9.28 6.39
C GLY A 172 -3.12 -8.65 5.35
N VAL A 173 -1.94 -9.24 5.16
CA VAL A 173 -0.99 -8.82 4.12
C VAL A 173 -0.29 -10.05 3.60
N ASP A 174 0.16 -9.98 2.34
CA ASP A 174 0.87 -11.10 1.72
C ASP A 174 1.63 -10.58 0.51
N MET A 175 2.63 -11.35 0.06
CA MET A 175 3.36 -11.02 -1.15
C MET A 175 3.49 -12.27 -2.01
N PRO A 176 2.98 -12.29 -3.24
CA PRO A 176 2.22 -11.19 -3.86
C PRO A 176 0.88 -10.99 -3.15
N GLY A 177 0.23 -9.86 -3.37
CA GLY A 177 -0.86 -9.42 -2.54
C GLY A 177 -2.23 -9.91 -2.98
N ALA A 178 -3.25 -9.41 -2.29
CA ALA A 178 -4.62 -9.71 -2.65
C ALA A 178 -4.96 -9.24 -4.08
N ASP A 179 -4.27 -8.21 -4.58
CA ASP A 179 -4.51 -7.75 -5.95
C ASP A 179 -4.15 -8.83 -6.97
N TYR A 180 -3.00 -9.47 -6.77
CA TYR A 180 -2.57 -10.58 -7.62
C TYR A 180 -3.58 -11.74 -7.57
N GLN A 181 -3.99 -12.09 -6.34
CA GLN A 181 -4.98 -13.16 -6.18
C GLN A 181 -6.27 -12.81 -6.88
N LEU A 182 -6.68 -11.55 -6.79
CA LEU A 182 -7.93 -11.16 -7.42
C LEU A 182 -7.84 -11.28 -8.94
N ILE A 183 -6.70 -10.91 -9.52
CA ILE A 183 -6.53 -11.11 -10.95
C ILE A 183 -6.79 -12.57 -11.32
N LYS A 184 -6.18 -13.48 -10.56
CA LYS A 184 -6.41 -14.92 -10.84
C LYS A 184 -7.89 -15.29 -10.69
N LEU A 185 -8.50 -14.90 -9.57
CA LEU A 185 -9.90 -15.28 -9.30
C LEU A 185 -10.88 -14.71 -10.31
N LEU A 186 -10.62 -13.52 -10.85
CA LEU A 186 -11.53 -12.93 -11.83
C LEU A 186 -11.22 -13.34 -13.26
N GLY A 187 -10.12 -14.02 -13.50
CA GLY A 187 -9.75 -14.36 -14.86
C GLY A 187 -9.34 -13.18 -15.70
N LEU A 188 -8.68 -12.19 -15.11
CA LEU A 188 -8.14 -11.08 -15.89
C LEU A 188 -6.72 -11.40 -16.35
N GLY A 189 -6.21 -10.59 -17.26
CA GLY A 189 -4.89 -10.82 -17.81
C GLY A 189 -3.79 -10.30 -16.90
N PRO A 190 -2.58 -10.85 -17.05
CA PRO A 190 -1.45 -10.37 -16.24
C PRO A 190 -1.04 -8.93 -16.56
N SER A 191 -1.48 -8.34 -17.67
CA SER A 191 -1.14 -6.98 -18.03
CA SER A 191 -1.05 -6.98 -17.93
C SER A 191 -2.03 -5.94 -17.39
N VAL A 192 -2.98 -6.34 -16.53
CA VAL A 192 -3.70 -5.33 -15.74
C VAL A 192 -2.70 -4.65 -14.82
N GLN A 193 -2.73 -3.31 -14.79
CA GLN A 193 -1.81 -2.54 -13.96
C GLN A 193 -2.34 -2.50 -12.53
N ARG A 194 -1.58 -3.06 -11.58
CA ARG A 194 -2.05 -3.24 -10.22
C ARG A 194 -1.38 -2.24 -9.28
N LEU A 195 -2.15 -1.77 -8.31
CA LEU A 195 -1.63 -1.08 -7.13
C LEU A 195 -2.26 -1.72 -5.90
N MET A 196 -1.44 -2.16 -4.97
CA MET A 196 -1.89 -2.88 -3.78
C MET A 196 -1.71 -1.96 -2.57
N MET A 197 -2.81 -1.58 -1.93
CA MET A 197 -2.78 -0.63 -0.81
C MET A 197 -3.11 -1.40 0.48
N TYR A 198 -2.09 -1.79 1.22
CA TYR A 198 -2.24 -2.53 2.46
C TYR A 198 -2.21 -1.63 3.68
N GLN A 199 -2.91 -2.06 4.72
CA GLN A 199 -2.75 -1.47 6.05
C GLN A 199 -3.00 0.02 6.06
N GLN A 200 -4.06 0.47 5.36
CA GLN A 200 -4.41 1.89 5.31
C GLN A 200 -5.39 2.30 6.42
N GLY A 201 -6.50 1.60 6.54
CA GLY A 201 -7.47 1.93 7.58
C GLY A 201 -8.63 2.74 7.06
N CYS A 202 -9.36 3.31 8.03
CA CYS A 202 -10.73 3.73 7.79
C CYS A 202 -10.84 4.84 6.78
N PHE A 203 -9.82 5.69 6.62
CA PHE A 203 -9.98 6.81 5.70
C PHE A 203 -9.81 6.40 4.24
N ALA A 204 -9.40 5.16 3.97
CA ALA A 204 -8.81 4.84 2.68
C ALA A 204 -9.82 4.73 1.54
N GLY A 205 -11.13 4.67 1.78
CA GLY A 205 -12.07 4.79 0.67
C GLY A 205 -11.91 6.12 -0.05
N GLY A 206 -11.74 7.20 0.73
CA GLY A 206 -11.45 8.50 0.14
C GLY A 206 -10.12 8.49 -0.59
N THR A 207 -9.11 7.83 -0.01
CA THR A 207 -7.80 7.71 -0.66
C THR A 207 -7.94 7.02 -2.02
N MET A 208 -8.70 5.93 -2.08
CA MET A 208 -8.81 5.18 -3.31
C MET A 208 -9.48 6.02 -4.39
N LEU A 209 -10.47 6.83 -4.01
CA LEU A 209 -11.03 7.76 -5.00
C LEU A 209 -9.99 8.76 -5.48
N ARG A 210 -9.17 9.22 -4.58
CA ARG A 210 -8.13 10.19 -4.88
C ARG A 210 -7.13 9.61 -5.88
N LEU A 211 -6.76 8.38 -5.66
CA LEU A 211 -5.84 7.66 -6.49
C LEU A 211 -6.45 7.33 -7.85
N ALA A 212 -7.64 6.79 -7.84
CA ALA A 212 -8.32 6.41 -9.05
C ALA A 212 -8.53 7.60 -9.98
N LYS A 213 -8.81 8.76 -9.43
CA LYS A 213 -8.99 9.94 -10.26
C LYS A 213 -7.78 10.21 -11.13
N ASP A 214 -6.57 10.15 -10.54
CA ASP A 214 -5.36 10.40 -11.32
C ASP A 214 -5.09 9.29 -12.31
N LEU A 215 -5.33 8.02 -11.92
CA LEU A 215 -5.13 6.93 -12.86
C LEU A 215 -6.04 7.08 -14.09
N ALA A 216 -7.31 7.41 -13.86
CA ALA A 216 -8.26 7.50 -14.96
C ALA A 216 -7.98 8.73 -15.83
N GLU A 217 -7.69 9.86 -15.21
CA GLU A 217 -7.52 11.09 -15.98
C GLU A 217 -6.19 11.13 -16.72
N ASN A 218 -5.15 10.44 -16.25
CA ASN A 218 -3.88 10.54 -16.96
C ASN A 218 -3.65 9.43 -17.98
N ASN A 219 -4.57 8.48 -18.11
CA ASN A 219 -4.35 7.31 -18.97
C ASN A 219 -5.55 7.17 -19.90
N LYS A 220 -5.37 7.53 -21.16
CA LYS A 220 -6.49 7.59 -22.08
C LYS A 220 -7.12 6.23 -22.23
N GLY A 221 -8.45 6.17 -22.08
CA GLY A 221 -9.12 4.89 -22.17
C GLY A 221 -9.06 4.01 -20.93
N ALA A 222 -8.31 4.40 -19.88
CA ALA A 222 -8.17 3.50 -18.74
C ALA A 222 -9.51 3.26 -18.05
N ARG A 223 -9.69 2.03 -17.57
CA ARG A 223 -10.85 1.66 -16.76
C ARG A 223 -10.32 0.98 -15.51
N ILE A 224 -10.57 1.60 -14.35
CA ILE A 224 -9.95 1.20 -13.09
C ILE A 224 -10.98 0.43 -12.28
N LEU A 225 -10.66 -0.82 -11.95
CA LEU A 225 -11.41 -1.55 -10.93
C LEU A 225 -10.79 -1.25 -9.57
N VAL A 226 -11.57 -0.64 -8.68
CA VAL A 226 -11.12 -0.30 -7.33
C VAL A 226 -11.89 -1.16 -6.34
N ILE A 227 -11.18 -1.83 -5.44
CA ILE A 227 -11.79 -2.74 -4.48
C ILE A 227 -11.32 -2.38 -3.08
N CYS A 228 -12.27 -2.17 -2.18
CA CYS A 228 -12.00 -2.07 -0.73
C CYS A 228 -12.66 -3.26 -0.05
N ALA A 229 -11.86 -4.13 0.56
CA ALA A 229 -12.37 -5.36 1.18
C ALA A 229 -11.81 -5.47 2.59
N GLU A 230 -12.70 -5.64 3.58
CA GLU A 230 -12.29 -5.51 4.97
C GLU A 230 -12.94 -6.60 5.82
N SER A 231 -12.21 -7.03 6.85
CA SER A 231 -12.76 -8.00 7.80
C SER A 231 -12.26 -7.71 9.20
N SER A 232 -13.20 -7.69 10.15
CA SER A 232 -12.87 -7.56 11.57
C SER A 232 -12.12 -8.77 12.11
N ALA A 233 -11.94 -9.83 11.31
CA ALA A 233 -11.21 -10.98 11.79
C ALA A 233 -9.76 -10.66 12.14
N ILE A 234 -9.22 -9.55 11.63
CA ILE A 234 -7.83 -9.20 11.92
C ILE A 234 -7.70 -8.69 13.35
N GLY A 235 -8.78 -8.17 13.93
CA GLY A 235 -8.76 -7.58 15.25
C GLY A 235 -9.69 -8.25 16.27
N PHE A 236 -10.44 -9.26 15.86
CA PHE A 236 -11.29 -9.97 16.81
C PHE A 236 -10.47 -10.61 17.92
N ARG A 237 -10.90 -10.42 19.16
CA ARG A 237 -10.25 -11.11 20.28
C ARG A 237 -11.22 -11.17 21.45
N GLY A 238 -10.93 -12.05 22.40
CA GLY A 238 -11.71 -12.17 23.62
C GLY A 238 -11.63 -10.95 24.53
N PRO A 239 -12.54 -10.87 25.49
CA PRO A 239 -12.58 -9.70 26.37
C PRO A 239 -11.56 -9.81 27.52
N SER A 240 -11.26 -8.66 28.11
CA SER A 240 -10.32 -8.59 29.22
C SER A 240 -10.71 -7.42 30.10
N GLU A 241 -10.81 -7.67 31.41
CA GLU A 241 -11.17 -6.61 32.34
C GLU A 241 -10.05 -5.58 32.49
N SER A 242 -8.83 -5.93 32.13
CA SER A 242 -7.77 -4.93 32.12
C SER A 242 -7.65 -4.18 30.80
N HIS A 243 -8.51 -4.48 29.82
CA HIS A 243 -8.52 -3.76 28.53
C HIS A 243 -9.95 -3.50 28.07
N VAL A 244 -10.69 -2.76 28.88
CA VAL A 244 -12.10 -2.53 28.60
C VAL A 244 -12.27 -1.72 27.32
N ASP A 245 -11.31 -0.84 27.01
CA ASP A 245 -11.45 -0.01 25.83
C ASP A 245 -11.49 -0.81 24.53
N ASN A 246 -10.92 -2.05 24.50
CA ASN A 246 -10.97 -2.87 23.30
C ASN A 246 -12.38 -3.36 22.99
N LEU A 247 -13.29 -3.33 23.97
CA LEU A 247 -14.66 -3.72 23.72
C LEU A 247 -15.31 -2.83 22.67
N VAL A 248 -14.92 -1.55 22.62
CA VAL A 248 -15.41 -0.66 21.57
C VAL A 248 -15.15 -1.27 20.18
N ALA A 249 -13.93 -1.73 19.97
CA ALA A 249 -13.59 -2.34 18.68
C ALA A 249 -14.42 -3.59 18.45
N GLN A 250 -14.62 -4.40 19.50
CA GLN A 250 -15.39 -5.63 19.32
C GLN A 250 -16.86 -5.36 19.05
N ALA A 251 -17.37 -4.20 19.37
CA ALA A 251 -18.72 -3.88 19.10
C ALA A 251 -18.96 -3.24 17.72
N LEU A 252 -17.93 -2.63 17.19
CA LEU A 252 -18.03 -1.85 16.01
C LEU A 252 -17.77 -2.39 14.64
N PHE A 253 -16.77 -3.21 14.51
CA PHE A 253 -16.28 -3.54 13.17
C PHE A 253 -16.99 -4.73 12.57
N GLY A 254 -17.31 -4.61 11.28
CA GLY A 254 -17.93 -5.68 10.52
C GLY A 254 -17.17 -5.93 9.24
N ASP A 255 -17.71 -6.83 8.43
CA ASP A 255 -16.99 -7.32 7.26
C ASP A 255 -17.75 -6.99 5.98
N GLY A 256 -17.01 -6.68 4.92
CA GLY A 256 -17.67 -6.38 3.65
C GLY A 256 -16.66 -5.90 2.64
N ALA A 257 -17.09 -5.88 1.38
CA ALA A 257 -16.24 -5.40 0.29
C ALA A 257 -17.08 -4.59 -0.67
N ALA A 258 -16.49 -3.54 -1.22
CA ALA A 258 -17.12 -2.69 -2.20
C ALA A 258 -16.17 -2.56 -3.37
N ALA A 259 -16.75 -2.47 -4.58
CA ALA A 259 -15.97 -2.34 -5.81
C ALA A 259 -16.59 -1.25 -6.68
N ILE A 260 -15.73 -0.45 -7.32
CA ILE A 260 -16.23 0.54 -8.26
C ILE A 260 -15.39 0.44 -9.52
N ILE A 261 -16.01 0.84 -10.65
CA ILE A 261 -15.29 1.03 -11.91
C ILE A 261 -15.15 2.54 -12.10
N VAL A 262 -13.93 3.00 -12.37
CA VAL A 262 -13.66 4.43 -12.56
C VAL A 262 -13.06 4.63 -13.94
N GLY A 263 -13.49 5.69 -14.62
CA GLY A 263 -12.93 5.98 -15.93
C GLY A 263 -13.34 7.36 -16.38
N SER A 264 -12.53 7.94 -17.27
CA SER A 264 -12.88 9.18 -17.95
C SER A 264 -13.43 8.87 -19.34
N ASN A 265 -14.19 9.83 -19.88
CA ASN A 265 -14.66 9.76 -21.26
C ASN A 265 -15.60 8.56 -21.48
N PRO A 266 -16.80 8.62 -20.93
CA PRO A 266 -17.69 7.46 -20.98
C PRO A 266 -18.19 7.17 -22.39
N LYS A 267 -18.40 5.90 -22.68
CA LYS A 267 -18.83 5.50 -24.02
C LYS A 267 -20.33 5.78 -24.19
N PRO A 268 -20.73 6.66 -25.10
CA PRO A 268 -22.15 7.03 -25.20
C PRO A 268 -23.00 5.81 -25.53
N GLY A 269 -24.13 5.70 -24.82
CA GLY A 269 -25.03 4.58 -24.98
C GLY A 269 -24.53 3.26 -24.47
N LEU A 270 -23.30 3.19 -23.92
CA LEU A 270 -22.82 1.94 -23.35
C LEU A 270 -22.56 2.05 -21.86
N GLU A 271 -21.87 3.10 -21.42
CA GLU A 271 -21.58 3.31 -20.01
C GLU A 271 -22.55 4.34 -19.46
N LYS A 272 -22.87 4.20 -18.18
CA LYS A 272 -23.82 5.12 -17.53
C LYS A 272 -23.17 5.66 -16.26
N PRO A 273 -22.56 6.84 -16.32
CA PRO A 273 -21.87 7.38 -15.15
C PRO A 273 -22.81 7.55 -13.98
N VAL A 274 -22.31 7.28 -12.78
CA VAL A 274 -23.07 7.41 -11.53
C VAL A 274 -22.68 8.67 -10.77
N PHE A 275 -21.37 8.93 -10.66
CA PHE A 275 -20.87 10.13 -10.00
C PHE A 275 -19.64 10.59 -10.77
N GLU A 276 -19.29 11.85 -10.58
CA GLU A 276 -18.05 12.42 -11.07
C GLU A 276 -17.17 12.73 -9.87
N ILE A 277 -15.89 12.37 -9.94
CA ILE A 277 -14.96 12.72 -8.88
C ILE A 277 -14.41 14.10 -9.22
N VAL A 278 -14.94 15.12 -8.58
CA VAL A 278 -14.56 16.49 -8.90
C VAL A 278 -13.19 16.82 -8.33
N SER A 279 -12.95 16.45 -7.08
CA SER A 279 -11.65 16.77 -6.47
C SER A 279 -11.48 15.88 -5.26
N ALA A 280 -10.23 15.74 -4.81
CA ALA A 280 -9.96 14.89 -3.66
C ALA A 280 -8.72 15.42 -2.96
N ALA A 281 -8.77 15.51 -1.63
CA ALA A 281 -7.62 16.04 -0.90
C ALA A 281 -7.57 15.41 0.48
N GLN A 282 -6.36 15.19 0.96
CA GLN A 282 -6.09 14.58 2.25
C GLN A 282 -5.50 15.63 3.18
N THR A 283 -5.73 15.48 4.48
CA THR A 283 -4.98 16.22 5.48
C THR A 283 -4.94 15.36 6.74
N PHE A 284 -4.29 15.85 7.78
CA PHE A 284 -4.50 15.23 9.09
C PHE A 284 -4.43 16.28 10.18
N VAL A 285 -5.03 15.96 11.33
CA VAL A 285 -4.96 16.82 12.52
C VAL A 285 -3.64 16.56 13.25
N PRO A 286 -2.80 17.58 13.42
CA PRO A 286 -1.51 17.35 14.07
C PRO A 286 -1.67 16.72 15.46
N ASN A 287 -0.80 15.74 15.74
CA ASN A 287 -0.81 14.87 16.92
C ASN A 287 -1.94 13.85 16.92
N GLY A 288 -2.62 13.66 15.79
CA GLY A 288 -3.71 12.70 15.75
C GLY A 288 -3.31 11.28 16.04
N ASP A 289 -2.03 10.93 15.82
CA ASP A 289 -1.59 9.56 16.10
C ASP A 289 -1.60 9.24 17.59
N CYS A 290 -1.60 10.26 18.45
CA CYS A 290 -1.80 10.04 19.88
C CYS A 290 -3.24 9.70 20.20
N HIS A 291 -4.14 9.98 19.28
CA HIS A 291 -5.52 9.71 19.49
C HIS A 291 -6.14 8.50 18.84
N LEU A 292 -5.61 8.11 17.70
CA LEU A 292 -6.12 7.02 16.93
C LEU A 292 -5.04 6.28 16.15
N ALA A 293 -4.81 5.05 16.57
CA ALA A 293 -3.80 4.22 16.01
C ALA A 293 -4.04 2.73 16.18
N LEU A 294 -3.49 1.96 15.26
CA LEU A 294 -3.61 0.52 15.24
C LEU A 294 -2.30 -0.12 14.82
N HIS A 295 -1.87 -1.09 15.60
CA HIS A 295 -0.64 -1.78 15.37
C HIS A 295 -0.81 -3.25 15.08
N LEU A 296 -0.08 -3.73 14.12
CA LEU A 296 -0.09 -5.11 13.75
C LEU A 296 0.98 -5.83 14.55
N ARG A 297 0.53 -6.73 15.39
CA ARG A 297 1.37 -7.46 16.29
C ARG A 297 1.15 -8.95 16.20
N GLU A 298 1.86 -9.68 17.04
CA GLU A 298 1.73 -11.12 17.08
C GLU A 298 0.30 -11.51 17.48
N MET A 299 -0.37 -10.69 18.22
CA MET A 299 -1.74 -10.92 18.63
C MET A 299 -2.81 -10.37 17.63
N GLY A 300 -2.38 -9.99 16.46
CA GLY A 300 -3.25 -9.39 15.47
C GLY A 300 -3.23 -7.87 15.55
N LEU A 301 -4.28 -7.25 15.10
CA LEU A 301 -4.37 -5.83 15.08
C LEU A 301 -4.89 -5.22 16.35
N THR A 302 -4.20 -4.24 16.88
CA THR A 302 -4.61 -3.59 18.09
C THR A 302 -5.38 -2.34 17.81
N PHE A 303 -5.98 -1.77 18.82
CA PHE A 303 -6.83 -0.62 18.68
C PHE A 303 -6.67 0.44 19.75
N HIS A 304 -6.23 1.61 19.38
CA HIS A 304 -6.04 2.73 20.28
C HIS A 304 -6.89 3.88 19.80
N CYS A 305 -7.86 4.25 20.59
CA CYS A 305 -8.80 5.30 20.18
C CYS A 305 -9.22 6.06 21.42
N THR A 306 -8.85 7.33 21.54
CA THR A 306 -9.20 8.05 22.76
C THR A 306 -10.59 8.66 22.65
N LYS A 307 -11.11 9.13 23.79
CA LYS A 307 -12.43 9.75 23.81
C LYS A 307 -12.42 11.10 23.11
N ASP A 308 -11.26 11.67 22.88
CA ASP A 308 -11.12 12.92 22.13
C ASP A 308 -11.41 12.79 20.64
N VAL A 309 -11.49 11.56 20.11
CA VAL A 309 -11.51 11.40 18.64
C VAL A 309 -12.75 12.03 18.01
N PRO A 310 -13.98 11.71 18.43
CA PRO A 310 -15.15 12.29 17.77
C PRO A 310 -15.14 13.82 17.77
N PRO A 311 -14.92 14.49 18.92
CA PRO A 311 -14.95 15.96 18.88
C PRO A 311 -13.81 16.58 18.09
N THR A 312 -12.62 15.96 18.10
CA THR A 312 -11.52 16.51 17.30
C THR A 312 -11.82 16.40 15.81
N ILE A 313 -12.35 15.26 15.36
CA ILE A 313 -12.75 15.14 13.96
C ILE A 313 -13.81 16.19 13.63
N ALA A 314 -14.86 16.24 14.45
CA ALA A 314 -16.00 17.11 14.17
C ALA A 314 -15.57 18.56 14.06
N LYS A 315 -14.65 18.99 14.93
CA LYS A 315 -14.23 20.37 14.87
C LYS A 315 -13.25 20.63 13.74
N ASN A 316 -12.69 19.60 13.11
CA ASN A 316 -11.82 19.88 11.97
C ASN A 316 -12.47 19.71 10.60
N VAL A 317 -13.67 19.15 10.51
CA VAL A 317 -14.21 18.91 9.16
C VAL A 317 -14.55 20.20 8.40
N GLU A 318 -14.94 21.27 9.10
CA GLU A 318 -15.39 22.45 8.37
C GLU A 318 -14.26 23.09 7.58
N SER A 319 -13.05 23.11 8.11
CA SER A 319 -11.95 23.69 7.33
C SER A 319 -11.65 22.84 6.09
N CYS A 320 -11.85 21.52 6.17
CA CYS A 320 -11.68 20.67 4.98
C CYS A 320 -12.73 21.00 3.94
N LEU A 321 -13.97 21.16 4.38
CA LEU A 321 -15.06 21.51 3.47
C LEU A 321 -14.79 22.85 2.79
N THR A 322 -14.39 23.85 3.58
CA THR A 322 -14.11 25.15 3.00
C THR A 322 -13.00 25.08 1.98
N LYS A 323 -11.91 24.38 2.29
CA LYS A 323 -10.82 24.31 1.32
C LYS A 323 -11.27 23.63 0.02
N ALA A 324 -12.11 22.60 0.12
CA ALA A 324 -12.54 21.89 -1.07
C ALA A 324 -13.60 22.64 -1.86
N LEU A 325 -14.49 23.38 -1.20
CA LEU A 325 -15.71 23.83 -1.85
C LEU A 325 -15.75 25.32 -2.15
N GLU A 326 -15.00 26.13 -1.42
CA GLU A 326 -14.86 27.54 -1.76
C GLU A 326 -14.44 27.77 -3.21
N PRO A 327 -13.48 27.04 -3.78
CA PRO A 327 -13.16 27.22 -5.22
C PRO A 327 -14.31 26.94 -6.16
N LEU A 328 -15.29 26.15 -5.74
CA LEU A 328 -16.49 25.92 -6.53
C LEU A 328 -17.59 26.91 -6.20
N GLY A 329 -17.36 27.81 -5.25
CA GLY A 329 -18.35 28.78 -4.86
C GLY A 329 -19.47 28.21 -4.03
N ILE A 330 -19.21 27.17 -3.23
CA ILE A 330 -20.22 26.55 -2.37
C ILE A 330 -19.83 26.78 -0.93
N SER A 331 -20.77 27.29 -0.13
CA SER A 331 -20.53 27.49 1.30
C SER A 331 -21.66 26.97 2.18
N ASP A 332 -22.77 26.57 1.59
CA ASP A 332 -23.94 26.06 2.32
C ASP A 332 -23.88 24.54 2.30
N TRP A 333 -23.50 23.95 3.43
CA TRP A 333 -23.32 22.50 3.47
C TRP A 333 -24.62 21.74 3.34
N ASN A 334 -25.77 22.37 3.58
CA ASN A 334 -27.01 21.66 3.31
C ASN A 334 -27.42 21.71 1.83
N SER A 335 -26.69 22.42 0.98
CA SER A 335 -26.96 22.32 -0.45
C SER A 335 -26.28 21.11 -1.09
N LEU A 336 -25.59 20.29 -0.30
CA LEU A 336 -24.83 19.13 -0.76
C LEU A 336 -25.53 17.84 -0.38
N PHE A 337 -25.30 16.78 -1.15
CA PHE A 337 -25.55 15.45 -0.59
C PHE A 337 -24.29 14.97 0.13
N TRP A 338 -24.45 14.00 1.04
CA TRP A 338 -23.42 13.70 2.04
C TRP A 338 -23.11 12.23 2.11
N ILE A 339 -21.83 11.92 2.20
CA ILE A 339 -21.34 10.60 2.45
C ILE A 339 -20.28 10.75 3.55
N LEU A 340 -20.55 10.18 4.69
CA LEU A 340 -19.68 10.25 5.80
C LEU A 340 -19.25 8.87 6.35
N HIS A 341 -17.97 8.71 6.56
CA HIS A 341 -17.46 7.48 7.12
C HIS A 341 -18.06 7.34 8.50
N PRO A 342 -18.83 6.31 8.74
CA PRO A 342 -19.48 6.17 10.06
C PRO A 342 -18.54 5.52 11.06
N GLY A 343 -17.48 6.24 11.44
CA GLY A 343 -16.49 5.66 12.33
C GLY A 343 -17.11 5.19 13.63
N GLY A 344 -18.12 5.90 14.09
CA GLY A 344 -19.01 5.43 15.14
C GLY A 344 -20.18 6.39 15.17
N ASN A 345 -21.23 5.99 15.87
CA ASN A 345 -22.43 6.82 15.89
C ASN A 345 -22.15 8.20 16.45
N ALA A 346 -21.26 8.30 17.46
CA ALA A 346 -20.99 9.60 18.06
C ALA A 346 -20.40 10.58 17.05
N ILE A 347 -19.56 10.08 16.15
CA ILE A 347 -18.96 10.97 15.16
C ILE A 347 -20.03 11.47 14.19
N VAL A 348 -20.92 10.57 13.75
CA VAL A 348 -22.01 10.99 12.87
C VAL A 348 -22.82 12.10 13.54
N ASP A 349 -23.23 11.89 14.79
CA ASP A 349 -24.02 12.90 15.50
C ASP A 349 -23.26 14.20 15.64
N GLN A 350 -21.97 14.13 16.00
CA GLN A 350 -21.23 15.36 16.26
C GLN A 350 -20.90 16.12 14.99
N VAL A 351 -20.70 15.43 13.87
CA VAL A 351 -20.53 16.15 12.62
C VAL A 351 -21.84 16.84 12.23
N GLU A 352 -22.96 16.10 12.28
CA GLU A 352 -24.26 16.71 12.03
C GLU A 352 -24.44 17.97 12.87
N ASN A 353 -24.12 17.89 14.17
CA ASN A 353 -24.37 19.02 15.08
C ASN A 353 -23.39 20.17 14.82
N LYS A 354 -22.12 19.86 14.62
CA LYS A 354 -21.15 20.93 14.42
C LYS A 354 -21.39 21.66 13.11
N LEU A 355 -21.86 20.97 12.08
CA LEU A 355 -22.06 21.61 10.79
C LEU A 355 -23.47 22.15 10.62
N GLY A 356 -24.38 21.82 11.53
CA GLY A 356 -25.77 22.20 11.35
C GLY A 356 -26.42 21.58 10.13
N LEU A 357 -26.13 20.30 9.87
CA LEU A 357 -26.78 19.61 8.77
C LEU A 357 -28.21 19.25 9.13
N GLU A 358 -29.10 19.30 8.13
CA GLU A 358 -30.44 18.75 8.30
C GLU A 358 -30.33 17.28 8.64
N HIS A 359 -31.27 16.78 9.43
CA HIS A 359 -31.10 15.48 10.05
C HIS A 359 -31.11 14.36 9.02
N GLU A 360 -31.74 14.58 7.88
CA GLU A 360 -31.80 13.53 6.88
C GLU A 360 -30.54 13.46 6.00
N LYS A 361 -29.65 14.46 6.08
CA LYS A 361 -28.44 14.45 5.24
C LYS A 361 -27.63 13.18 5.43
N LEU A 362 -27.45 12.74 6.68
CA LEU A 362 -26.62 11.58 6.98
C LEU A 362 -27.42 10.29 7.07
N ARG A 363 -28.62 10.25 6.47
CA ARG A 363 -29.45 9.05 6.50
C ARG A 363 -28.79 7.86 5.81
N ALA A 364 -28.25 8.04 4.60
CA ALA A 364 -27.60 6.91 3.94
C ALA A 364 -26.42 6.36 4.79
N THR A 365 -25.65 7.27 5.37
CA THR A 365 -24.57 6.90 6.29
C THR A 365 -25.09 6.06 7.44
N ARG A 366 -26.16 6.52 8.09
CA ARG A 366 -26.73 5.78 9.22
C ARG A 366 -27.31 4.45 8.78
N ASN A 367 -27.90 4.39 7.58
CA ASN A 367 -28.40 3.12 7.06
C ASN A 367 -27.30 2.10 6.96
N ILE A 368 -26.13 2.52 6.45
CA ILE A 368 -25.06 1.54 6.28
C ILE A 368 -24.51 1.13 7.65
N LEU A 369 -24.28 2.10 8.55
CA LEU A 369 -23.85 1.73 9.91
C LEU A 369 -24.82 0.74 10.54
N ARG A 370 -26.12 0.97 10.38
CA ARG A 370 -27.13 0.07 10.94
C ARG A 370 -27.04 -1.32 10.35
N ASP A 371 -26.94 -1.41 9.03
CA ASP A 371 -27.04 -2.74 8.43
C ASP A 371 -25.73 -3.50 8.36
N PHE A 372 -24.59 -2.84 8.55
CA PHE A 372 -23.34 -3.56 8.34
C PHE A 372 -22.27 -3.28 9.38
N GLY A 373 -22.46 -2.30 10.25
CA GLY A 373 -21.42 -1.82 11.13
C GLY A 373 -20.30 -1.10 10.37
N ASN A 374 -19.18 -0.95 11.05
CA ASN A 374 -18.03 -0.21 10.53
C ASN A 374 -17.18 -1.18 9.72
N MET A 375 -17.23 -1.09 8.39
CA MET A 375 -16.43 -1.93 7.52
C MET A 375 -15.18 -1.21 7.01
N SER A 376 -14.63 -0.31 7.82
CA SER A 376 -13.35 0.37 7.58
C SER A 376 -13.42 1.03 6.20
N SER A 377 -12.44 0.83 5.31
CA SER A 377 -12.38 1.63 4.10
C SER A 377 -13.57 1.38 3.17
N ALA A 378 -14.24 0.23 3.27
CA ALA A 378 -15.35 -0.04 2.37
C ALA A 378 -16.60 0.78 2.68
N CYS A 379 -16.74 1.30 3.90
CA CYS A 379 -18.00 1.96 4.31
C CYS A 379 -18.46 3.03 3.34
N VAL A 380 -17.58 3.98 3.02
CA VAL A 380 -18.04 5.12 2.23
C VAL A 380 -18.47 4.69 0.84
N LEU A 381 -17.96 3.55 0.34
CA LEU A 381 -18.44 3.09 -0.97
C LEU A 381 -19.79 2.36 -0.87
N PHE A 382 -20.03 1.61 0.20
CA PHE A 382 -21.40 1.14 0.46
C PHE A 382 -22.36 2.32 0.53
N ILE A 383 -21.96 3.38 1.18
CA ILE A 383 -22.79 4.55 1.35
C ILE A 383 -23.04 5.24 0.01
N LEU A 384 -22.04 5.26 -0.83
CA LEU A 384 -22.15 5.81 -2.14
C LEU A 384 -23.23 5.03 -2.90
N ASP A 385 -23.20 3.73 -2.83
CA ASP A 385 -24.17 2.88 -3.45
C ASP A 385 -25.56 3.12 -2.85
N GLU A 386 -25.63 3.24 -1.55
CA GLU A 386 -26.87 3.46 -0.84
C GLU A 386 -27.54 4.79 -1.21
N ILE A 387 -26.76 5.84 -1.29
CA ILE A 387 -27.26 7.13 -1.59
C ILE A 387 -27.95 7.17 -2.99
N ARG A 388 -27.38 6.51 -3.99
CA ARG A 388 -28.02 6.48 -5.31
C ARG A 388 -29.24 5.55 -5.33
N LYS A 389 -29.18 4.47 -4.57
CA LYS A 389 -30.27 3.55 -4.47
C LYS A 389 -31.45 4.25 -3.81
N LYS A 390 -31.20 4.94 -2.72
CA LYS A 390 -32.25 5.68 -2.01
C LYS A 390 -32.80 6.81 -2.87
N SER A 391 -31.93 7.43 -3.67
CA SER A 391 -32.39 8.42 -4.63
C SER A 391 -33.39 7.82 -5.61
N ALA A 392 -33.06 6.65 -6.17
CA ALA A 392 -34.02 5.99 -7.05
C ALA A 392 -35.32 5.63 -6.31
N ARG A 393 -35.22 5.09 -5.09
CA ARG A 393 -36.43 4.74 -4.33
C ARG A 393 -37.32 5.94 -4.09
N ASP A 394 -36.75 7.07 -3.70
CA ASP A 394 -37.52 8.27 -3.45
C ASP A 394 -37.95 8.99 -4.73
N GLY A 395 -37.72 8.40 -5.90
CA GLY A 395 -38.06 9.08 -7.16
C GLY A 395 -37.37 10.40 -7.40
N LEU A 396 -36.15 10.59 -6.90
CA LEU A 396 -35.41 11.83 -7.10
C LEU A 396 -34.65 11.80 -8.43
N LYS A 397 -34.20 12.99 -8.88
CA LYS A 397 -33.79 13.16 -10.28
C LYS A 397 -32.29 13.02 -10.51
N THR A 398 -31.47 12.94 -9.46
CA THR A 398 -30.04 12.66 -9.61
C THR A 398 -29.63 11.56 -8.64
N THR A 399 -28.47 10.96 -8.90
CA THR A 399 -27.92 9.94 -8.00
C THR A 399 -27.55 10.52 -6.66
N GLY A 400 -27.53 11.84 -6.53
CA GLY A 400 -27.22 12.48 -5.27
C GLY A 400 -28.42 13.14 -4.61
N GLU A 401 -29.50 12.38 -4.42
CA GLU A 401 -30.70 12.88 -3.74
C GLU A 401 -31.27 14.10 -4.44
N GLY A 402 -31.16 14.12 -5.77
CA GLY A 402 -31.65 15.23 -6.55
C GLY A 402 -30.76 16.45 -6.52
N LEU A 403 -29.63 16.41 -5.84
CA LEU A 403 -28.73 17.55 -5.81
C LEU A 403 -27.57 17.32 -6.78
N ASP A 404 -26.87 18.41 -7.10
CA ASP A 404 -25.77 18.37 -8.07
C ASP A 404 -24.44 18.00 -7.42
N PHE A 405 -24.03 18.74 -6.39
CA PHE A 405 -22.74 18.52 -5.74
C PHE A 405 -22.91 17.80 -4.41
N GLY A 406 -21.91 16.99 -4.09
CA GLY A 406 -21.90 16.25 -2.84
C GLY A 406 -20.50 16.20 -2.28
N VAL A 407 -20.40 15.74 -1.03
CA VAL A 407 -19.09 15.60 -0.40
C VAL A 407 -19.01 14.22 0.26
N LEU A 408 -17.86 13.58 0.10
CA LEU A 408 -17.56 12.33 0.78
C LEU A 408 -16.39 12.63 1.72
N LEU A 409 -16.57 12.35 2.97
CA LEU A 409 -15.58 12.62 3.97
C LEU A 409 -15.29 11.38 4.80
N SER A 410 -14.04 10.99 4.81
CA SER A 410 -13.62 9.85 5.55
C SER A 410 -12.48 10.22 6.51
N PHE A 411 -12.21 9.38 7.49
CA PHE A 411 -11.17 9.73 8.44
C PHE A 411 -10.68 8.44 9.08
N GLY A 412 -9.50 8.48 9.69
CA GLY A 412 -8.91 7.26 10.18
C GLY A 412 -7.63 7.53 10.93
N PRO A 413 -6.77 6.52 11.02
CA PRO A 413 -5.59 6.59 11.88
C PRO A 413 -4.76 7.85 11.66
N GLY A 414 -4.24 8.38 12.76
CA GLY A 414 -3.52 9.63 12.70
C GLY A 414 -4.41 10.84 12.65
N LEU A 415 -5.72 10.65 12.78
CA LEU A 415 -6.71 11.66 12.46
C LEU A 415 -6.47 12.21 11.05
N THR A 416 -6.12 11.31 10.14
CA THR A 416 -6.17 11.61 8.72
C THR A 416 -7.61 11.86 8.29
N ILE A 417 -7.83 12.89 7.49
CA ILE A 417 -9.14 13.18 6.90
C ILE A 417 -9.01 13.27 5.38
N GLU A 418 -9.86 12.53 4.65
CA GLU A 418 -9.95 12.60 3.20
C GLU A 418 -11.25 13.30 2.82
N THR A 419 -11.18 14.27 1.90
CA THR A 419 -12.33 15.05 1.47
C THR A 419 -12.44 14.94 -0.05
N VAL A 420 -13.53 14.36 -0.53
CA VAL A 420 -13.76 14.15 -1.96
C VAL A 420 -15.02 14.92 -2.35
N VAL A 421 -14.90 15.83 -3.32
CA VAL A 421 -16.08 16.50 -3.87
C VAL A 421 -16.61 15.66 -5.02
N LEU A 422 -17.90 15.40 -5.00
CA LEU A 422 -18.56 14.59 -6.00
C LEU A 422 -19.59 15.42 -6.75
N HIS A 423 -19.87 15.04 -7.98
CA HIS A 423 -21.00 15.59 -8.70
C HIS A 423 -21.92 14.44 -9.06
N SER A 424 -23.21 14.63 -8.87
CA SER A 424 -24.14 13.56 -9.20
C SER A 424 -24.39 13.49 -10.70
N LYS A 425 -25.18 12.51 -11.12
CA LYS A 425 -25.53 12.23 -12.50
C LYS A 425 -27.04 11.98 -12.57
N PRO A 426 -27.64 12.11 -13.75
CA PRO A 426 -29.09 11.85 -13.87
C PRO A 426 -29.42 10.41 -13.49
N ILE A 427 -30.52 10.24 -12.78
CA ILE A 427 -30.80 8.99 -12.08
C ILE A 427 -30.99 7.80 -13.01
N GLU B 52 4.68 21.53 -19.99
CA GLU B 52 3.63 20.93 -19.15
C GLU B 52 3.42 19.51 -19.61
N GLY B 53 4.49 18.74 -19.56
CA GLY B 53 4.50 17.45 -20.16
C GLY B 53 4.95 16.42 -19.15
N PRO B 54 5.96 15.66 -19.52
CA PRO B 54 6.20 14.38 -18.87
C PRO B 54 6.78 14.55 -17.47
N ALA B 55 6.49 13.56 -16.63
CA ALA B 55 7.07 13.50 -15.29
C ALA B 55 8.58 13.33 -15.39
N LEU B 56 9.31 14.09 -14.57
CA LEU B 56 10.76 14.06 -14.57
C LEU B 56 11.26 13.71 -13.18
N VAL B 57 12.35 12.94 -13.12
CA VAL B 57 13.13 12.81 -11.90
C VAL B 57 13.99 14.06 -11.75
N LEU B 58 13.74 14.83 -10.69
CA LEU B 58 14.42 16.10 -10.48
C LEU B 58 15.56 16.00 -9.48
N ALA B 59 15.66 14.91 -8.74
CA ALA B 59 16.72 14.72 -7.75
C ALA B 59 16.64 13.29 -7.25
N ILE B 60 17.77 12.77 -6.78
CA ILE B 60 17.89 11.44 -6.21
C ILE B 60 18.80 11.53 -4.99
N GLY B 61 18.36 11.00 -3.86
CA GLY B 61 19.20 10.90 -2.68
C GLY B 61 19.10 9.49 -2.11
N THR B 62 20.18 9.07 -1.43
CA THR B 62 20.22 7.72 -0.85
C THR B 62 20.83 7.77 0.55
N ALA B 63 20.54 6.75 1.35
CA ALA B 63 21.02 6.67 2.73
C ALA B 63 21.06 5.21 3.15
N THR B 64 21.97 4.88 4.04
CA THR B 64 22.09 3.54 4.61
C THR B 64 22.30 3.66 6.11
N PRO B 65 21.95 2.61 6.87
CA PRO B 65 22.37 2.57 8.27
C PRO B 65 23.91 2.67 8.36
N SER B 66 24.38 3.26 9.42
CA SER B 66 25.80 3.35 9.59
C SER B 66 26.46 2.01 9.81
N HIS B 67 25.81 1.10 10.52
CA HIS B 67 26.36 -0.22 10.75
C HIS B 67 26.35 -1.05 9.48
N TRP B 68 27.42 -1.78 9.23
CA TRP B 68 27.57 -2.62 8.07
C TRP B 68 28.49 -3.81 8.30
N ILE B 69 28.34 -4.84 7.51
CA ILE B 69 29.18 -6.00 7.61
C ILE B 69 29.70 -6.45 6.29
N ASP B 70 30.98 -6.78 6.24
CA ASP B 70 31.57 -7.21 5.02
C ASP B 70 31.18 -8.65 4.79
N GLN B 71 30.88 -8.97 3.57
CA GLN B 71 30.36 -10.26 3.16
C GLN B 71 31.39 -11.38 3.33
N SER B 72 32.68 -11.09 3.13
CA SER B 72 33.70 -12.12 3.33
C SER B 72 33.66 -12.68 4.75
N SER B 73 33.47 -11.81 5.74
CA SER B 73 33.38 -12.23 7.12
C SER B 73 31.94 -12.44 7.61
N TYR B 74 30.94 -12.40 6.72
CA TYR B 74 29.58 -12.57 7.23
C TYR B 74 29.29 -13.99 7.72
N PRO B 75 29.75 -15.06 7.07
CA PRO B 75 29.47 -16.39 7.64
C PRO B 75 29.96 -16.54 9.08
N ASP B 76 31.15 -16.03 9.39
CA ASP B 76 31.64 -16.09 10.76
C ASP B 76 30.76 -15.28 11.70
N TYR B 77 30.42 -14.05 11.30
CA TYR B 77 29.55 -13.22 12.14
C TYR B 77 28.22 -13.91 12.40
N TYR B 78 27.59 -14.38 11.32
CA TYR B 78 26.23 -14.91 11.39
C TYR B 78 26.18 -16.17 12.25
N PHE B 79 27.08 -17.13 11.99
CA PHE B 79 27.04 -18.34 12.80
C PHE B 79 27.48 -18.09 14.24
N ARG B 80 28.34 -17.10 14.49
CA ARG B 80 28.70 -16.80 15.88
C ARG B 80 27.54 -16.16 16.62
N VAL B 81 26.99 -15.08 16.07
CA VAL B 81 26.01 -14.29 16.82
C VAL B 81 24.70 -15.05 17.02
N THR B 82 24.40 -16.03 16.17
CA THR B 82 23.23 -16.88 16.36
C THR B 82 23.56 -18.18 17.12
N ASN B 83 24.75 -18.30 17.70
CA ASN B 83 25.15 -19.48 18.47
C ASN B 83 24.99 -20.77 17.68
N SER B 84 25.52 -20.78 16.47
CA SER B 84 25.30 -21.90 15.56
C SER B 84 26.62 -22.49 15.07
N ASP B 85 27.73 -22.16 15.73
CA ASP B 85 29.02 -22.62 15.24
C ASP B 85 29.18 -24.13 15.27
N HIS B 86 28.35 -24.84 16.02
CA HIS B 86 28.38 -26.29 15.97
C HIS B 86 27.83 -26.85 14.67
N LEU B 87 27.16 -26.04 13.83
CA LEU B 87 26.63 -26.51 12.55
C LEU B 87 27.67 -26.32 11.45
N VAL B 88 28.70 -27.17 11.51
CA VAL B 88 29.91 -26.97 10.71
C VAL B 88 29.61 -27.09 9.21
N ASP B 89 28.87 -28.14 8.81
CA ASP B 89 28.57 -28.32 7.40
C ASP B 89 27.67 -27.21 6.87
N LEU B 90 26.70 -26.79 7.68
CA LEU B 90 25.80 -25.72 7.28
C LEU B 90 26.57 -24.42 7.09
N LYS B 91 27.48 -24.10 8.02
CA LYS B 91 28.33 -22.93 7.87
C LYS B 91 29.13 -22.99 6.57
N GLU B 92 29.60 -24.17 6.19
CA GLU B 92 30.35 -24.24 4.94
C GLU B 92 29.43 -24.00 3.73
N LYS B 93 28.22 -24.57 3.74
CA LYS B 93 27.23 -24.22 2.71
C LYS B 93 27.02 -22.70 2.64
N PHE B 94 26.92 -22.06 3.80
CA PHE B 94 26.66 -20.62 3.83
C PHE B 94 27.83 -19.85 3.25
N ARG B 95 29.06 -20.27 3.57
CA ARG B 95 30.25 -19.67 2.97
CA ARG B 95 30.24 -19.65 2.96
C ARG B 95 30.17 -19.70 1.44
N ARG B 96 29.79 -20.85 0.89
CA ARG B 96 29.68 -20.96 -0.56
C ARG B 96 28.57 -20.05 -1.11
N ILE B 97 27.43 -19.99 -0.41
CA ILE B 97 26.33 -19.13 -0.85
C ILE B 97 26.78 -17.66 -0.87
N CYS B 98 27.35 -17.20 0.25
CA CYS B 98 27.85 -15.84 0.34
C CYS B 98 28.88 -15.56 -0.75
N SER B 99 29.76 -16.53 -1.04
CA SER B 99 30.74 -16.35 -2.10
C SER B 99 30.06 -16.12 -3.44
N ARG B 100 28.99 -16.84 -3.72
CA ARG B 100 28.38 -16.67 -5.03
C ARG B 100 27.55 -15.39 -5.15
N THR B 101 27.31 -14.66 -4.06
CA THR B 101 26.42 -13.51 -4.17
C THR B 101 27.00 -12.35 -4.99
N MET B 102 28.30 -12.19 -4.95
CA MET B 102 28.98 -11.07 -5.59
C MET B 102 28.65 -9.80 -4.81
N ILE B 103 28.33 -9.96 -3.55
CA ILE B 103 28.06 -8.88 -2.65
C ILE B 103 29.30 -8.73 -1.77
N LYS B 104 29.77 -7.52 -1.59
CA LYS B 104 30.93 -7.24 -0.79
C LYS B 104 30.61 -6.68 0.56
N LYS B 105 29.48 -6.00 0.66
CA LYS B 105 29.05 -5.48 1.91
C LYS B 105 27.57 -5.15 1.97
N ARG B 106 27.05 -5.14 3.18
CA ARG B 106 25.66 -4.78 3.39
C ARG B 106 25.57 -3.93 4.64
N HIS B 107 24.72 -2.92 4.58
CA HIS B 107 24.42 -2.14 5.75
C HIS B 107 23.19 -2.75 6.45
N MET B 108 23.15 -2.66 7.75
CA MET B 108 22.11 -3.23 8.56
C MET B 108 21.75 -2.55 9.83
N LEU B 109 20.48 -2.40 10.03
CA LEU B 109 19.90 -1.81 11.21
C LEU B 109 20.16 -2.69 12.44
N LEU B 110 20.14 -3.98 12.26
CA LEU B 110 20.34 -4.92 13.33
C LEU B 110 21.81 -5.07 13.73
N THR B 111 22.15 -4.66 14.94
CA THR B 111 23.50 -4.74 15.46
C THR B 111 23.64 -5.95 16.37
N GLU B 112 24.89 -6.31 16.66
CA GLU B 112 25.16 -7.38 17.62
C GLU B 112 24.44 -7.12 18.94
N GLU B 113 24.46 -5.86 19.42
CA GLU B 113 23.79 -5.53 20.68
C GLU B 113 22.30 -5.84 20.63
N ILE B 114 21.65 -5.51 19.51
CA ILE B 114 20.21 -5.76 19.41
C ILE B 114 19.95 -7.25 19.35
N LEU B 115 20.76 -8.00 18.67
CA LEU B 115 20.56 -9.41 18.68
C LEU B 115 20.74 -9.98 20.10
N LYS B 116 21.78 -9.55 20.80
CA LYS B 116 22.04 -10.04 22.13
C LYS B 116 20.91 -9.75 23.05
N LYS B 117 20.31 -8.62 22.86
CA LYS B 117 19.18 -8.30 23.71
C LYS B 117 17.89 -9.02 23.30
N ASN B 118 17.81 -9.61 22.10
CA ASN B 118 16.56 -10.19 21.59
C ASN B 118 16.84 -11.54 20.96
N PRO B 119 17.06 -12.57 21.79
CA PRO B 119 17.49 -13.85 21.25
C PRO B 119 16.46 -14.53 20.36
N ASN B 120 15.16 -14.19 20.49
CA ASN B 120 14.19 -14.68 19.51
C ASN B 120 14.60 -14.32 18.09
N LEU B 121 15.25 -13.16 17.90
CA LEU B 121 15.73 -12.81 16.56
C LEU B 121 16.76 -13.79 16.05
N CYS B 122 17.53 -14.39 16.96
CA CYS B 122 18.57 -15.33 16.55
C CYS B 122 18.06 -16.74 16.35
N SER B 123 16.84 -17.04 16.77
CA SER B 123 16.26 -18.34 16.49
C SER B 123 15.82 -18.42 15.03
N PHE B 124 15.44 -19.63 14.61
CA PHE B 124 14.90 -19.75 13.27
C PHE B 124 13.44 -19.29 13.20
N SER B 125 12.61 -19.66 14.17
CA SER B 125 11.19 -19.41 13.98
C SER B 125 10.43 -19.15 15.27
N GLU B 126 11.09 -18.74 16.35
CA GLU B 126 10.36 -18.35 17.53
C GLU B 126 9.60 -17.04 17.25
N PRO B 127 8.49 -16.77 18.00
CA PRO B 127 7.75 -15.52 17.79
C PRO B 127 8.66 -14.31 17.85
N SER B 128 8.69 -13.50 16.78
CA SER B 128 9.61 -12.38 16.70
C SER B 128 9.02 -11.14 16.03
N LEU B 129 7.79 -11.19 15.50
CA LEU B 129 7.26 -10.05 14.78
C LEU B 129 7.20 -8.81 15.67
N ASP B 130 6.89 -8.96 16.95
CA ASP B 130 6.73 -7.77 17.78
C ASP B 130 8.05 -7.01 17.93
N ILE B 131 9.17 -7.72 18.05
CA ILE B 131 10.41 -6.96 18.22
C ILE B 131 10.83 -6.36 16.88
N ARG B 132 10.63 -7.10 15.78
CA ARG B 132 10.91 -6.54 14.46
C ARG B 132 10.08 -5.28 14.21
N GLN B 133 8.81 -5.29 14.59
CA GLN B 133 7.95 -4.12 14.44
C GLN B 133 8.44 -2.98 15.32
N ASP B 134 8.80 -3.26 16.58
CA ASP B 134 9.29 -2.18 17.44
C ASP B 134 10.51 -1.49 16.83
N ILE B 135 11.40 -2.27 16.24
CA ILE B 135 12.58 -1.66 15.60
C ILE B 135 12.18 -0.89 14.34
N LEU B 136 11.46 -1.56 13.43
CA LEU B 136 11.28 -1.06 12.08
C LEU B 136 10.31 0.11 12.02
N VAL B 137 9.28 0.13 12.87
CA VAL B 137 8.28 1.20 12.81
C VAL B 137 8.91 2.55 13.13
N SER B 138 9.98 2.55 13.91
CA SER B 138 10.74 3.74 14.22
C SER B 138 11.86 3.99 13.21
N GLU B 139 12.63 2.95 12.87
CA GLU B 139 13.86 3.18 12.10
C GLU B 139 13.60 3.38 10.62
N ILE B 140 12.55 2.76 10.05
CA ILE B 140 12.32 2.91 8.60
C ILE B 140 12.00 4.35 8.23
N PRO B 141 11.08 5.06 8.90
CA PRO B 141 10.89 6.48 8.55
C PRO B 141 12.15 7.32 8.77
N LYS B 142 12.99 7.02 9.78
CA LYS B 142 14.20 7.83 10.00
C LYS B 142 15.19 7.64 8.87
N LEU B 143 15.35 6.39 8.40
CA LEU B 143 16.21 6.15 7.26
C LEU B 143 15.65 6.83 6.00
N GLY B 144 14.33 6.71 5.79
CA GLY B 144 13.72 7.43 4.68
C GLY B 144 13.97 8.93 4.76
N LYS B 145 13.92 9.48 5.98
CA LYS B 145 14.19 10.91 6.16
C LYS B 145 15.60 11.28 5.73
N GLU B 146 16.57 10.42 6.06
CA GLU B 146 17.95 10.74 5.67
C GLU B 146 18.08 10.80 4.14
N ALA B 147 17.51 9.81 3.46
CA ALA B 147 17.55 9.83 1.99
C ALA B 147 16.81 11.06 1.45
N ALA B 148 15.70 11.41 2.08
CA ALA B 148 14.88 12.52 1.58
C ALA B 148 15.64 13.84 1.70
N LEU B 149 16.34 14.05 2.82
CA LEU B 149 17.11 15.28 3.01
C LEU B 149 18.14 15.43 1.92
N LYS B 150 18.80 14.32 1.53
CA LYS B 150 19.77 14.39 0.43
C LYS B 150 19.10 14.71 -0.91
N ALA B 151 17.94 14.12 -1.18
CA ALA B 151 17.26 14.46 -2.44
C ALA B 151 16.82 15.92 -2.45
N ILE B 152 16.28 16.42 -1.34
CA ILE B 152 15.82 17.80 -1.26
C ILE B 152 16.98 18.77 -1.39
N GLN B 153 18.14 18.41 -0.84
CA GLN B 153 19.35 19.22 -1.00
C GLN B 153 19.74 19.33 -2.46
N GLU B 154 19.76 18.21 -3.19
CA GLU B 154 20.06 18.30 -4.62
C GLU B 154 18.99 19.12 -5.35
N TRP B 155 17.73 18.90 -5.04
CA TRP B 155 16.64 19.58 -5.71
C TRP B 155 16.75 21.09 -5.52
N ALA B 156 17.12 21.52 -4.31
CA ALA B 156 17.40 22.90 -3.96
C ALA B 156 16.16 23.78 -3.93
N GLN B 157 14.97 23.20 -3.86
CA GLN B 157 13.78 24.01 -3.65
C GLN B 157 13.33 23.87 -2.21
N PRO B 158 12.49 24.78 -1.71
CA PRO B 158 12.06 24.66 -0.31
C PRO B 158 11.21 23.41 -0.12
N LYS B 159 11.47 22.69 0.98
CA LYS B 159 10.73 21.46 1.24
C LYS B 159 9.24 21.74 1.41
N SER B 160 8.85 22.97 1.72
CA SER B 160 7.44 23.28 1.84
C SER B 160 6.72 23.26 0.51
N THR B 161 7.44 23.19 -0.62
CA THR B 161 6.77 23.11 -1.91
C THR B 161 6.53 21.68 -2.37
N ILE B 162 6.94 20.68 -1.58
CA ILE B 162 6.54 19.31 -1.85
C ILE B 162 5.04 19.19 -1.61
N THR B 163 4.32 18.65 -2.59
CA THR B 163 2.87 18.55 -2.48
C THR B 163 2.37 17.14 -2.19
N HIS B 164 3.16 16.12 -2.53
CA HIS B 164 2.75 14.72 -2.41
C HIS B 164 3.92 13.93 -1.84
N LEU B 165 3.58 12.87 -1.11
CA LEU B 165 4.57 11.94 -0.58
C LEU B 165 4.10 10.51 -0.84
N VAL B 166 4.98 9.72 -1.44
CA VAL B 166 4.78 8.29 -1.65
C VAL B 166 5.86 7.58 -0.86
N PHE B 167 5.47 6.71 0.07
CA PHE B 167 6.41 5.96 0.89
C PHE B 167 6.20 4.47 0.62
N CYS B 168 7.28 3.75 0.37
CA CYS B 168 7.23 2.36 -0.03
C CYS B 168 8.20 1.55 0.83
N THR B 169 7.72 0.44 1.43
CA THR B 169 8.58 -0.46 2.21
C THR B 169 7.90 -1.81 2.33
N ARG B 170 8.69 -2.88 2.41
CA ARG B 170 8.11 -4.14 2.88
C ARG B 170 8.57 -4.48 4.29
N SER B 171 9.14 -3.52 5.03
CA SER B 171 9.84 -3.78 6.29
C SER B 171 9.03 -3.18 7.45
N GLY B 172 8.04 -3.95 7.93
CA GLY B 172 7.18 -3.45 8.99
C GLY B 172 5.95 -2.76 8.43
N VAL B 173 4.89 -2.68 9.26
CA VAL B 173 3.67 -1.96 8.90
C VAL B 173 3.11 -1.34 10.17
N ASP B 174 2.38 -0.24 10.01
CA ASP B 174 1.78 0.44 11.15
C ASP B 174 0.67 1.35 10.64
N MET B 175 -0.23 1.75 11.54
CA MET B 175 -1.28 2.70 11.21
C MET B 175 -1.37 3.75 12.32
N PRO B 176 -1.16 5.04 12.03
CA PRO B 176 -0.81 5.56 10.69
C PRO B 176 0.61 5.10 10.31
N GLY B 177 0.96 5.21 9.03
CA GLY B 177 2.11 4.54 8.48
C GLY B 177 3.41 5.32 8.58
N ALA B 178 4.44 4.76 7.96
CA ALA B 178 5.73 5.43 7.88
C ALA B 178 5.63 6.77 7.14
N ASP B 179 4.65 6.90 6.22
CA ASP B 179 4.46 8.18 5.52
C ASP B 179 4.11 9.31 6.49
N TYR B 180 3.18 9.02 7.40
CA TYR B 180 2.78 9.98 8.43
C TYR B 180 3.97 10.36 9.32
N GLN B 181 4.73 9.33 9.75
CA GLN B 181 5.90 9.58 10.57
C GLN B 181 6.91 10.44 9.82
N LEU B 182 7.09 10.18 8.54
CA LEU B 182 8.05 10.94 7.78
C LEU B 182 7.64 12.40 7.68
N ILE B 183 6.33 12.67 7.49
CA ILE B 183 5.87 14.05 7.51
C ILE B 183 6.32 14.73 8.79
N LYS B 184 6.10 14.08 9.93
CA LYS B 184 6.53 14.69 11.20
C LYS B 184 8.04 14.89 11.25
N LEU B 185 8.81 13.87 10.90
CA LEU B 185 10.28 13.95 10.99
C LEU B 185 10.87 15.01 10.06
N LEU B 186 10.27 15.24 8.89
CA LEU B 186 10.80 16.23 7.96
C LEU B 186 10.25 17.62 8.21
N GLY B 187 9.27 17.78 9.09
CA GLY B 187 8.68 19.08 9.29
C GLY B 187 7.85 19.56 8.12
N LEU B 188 7.16 18.67 7.41
CA LEU B 188 6.26 19.09 6.35
C LEU B 188 4.86 19.32 6.91
N GLY B 189 4.00 19.94 6.10
CA GLY B 189 2.66 20.26 6.55
C GLY B 189 1.73 19.07 6.45
N PRO B 190 0.64 19.09 7.23
CA PRO B 190 -0.34 17.99 7.15
C PRO B 190 -1.08 17.94 5.82
N SER B 191 -1.00 18.97 4.98
CA SER B 191 -1.71 18.96 3.73
C SER B 191 -0.90 18.32 2.60
N VAL B 192 0.27 17.76 2.87
CA VAL B 192 0.95 16.94 1.87
C VAL B 192 0.09 15.72 1.59
N GLN B 193 -0.14 15.43 0.31
CA GLN B 193 -0.97 14.30 -0.10
C GLN B 193 -0.14 13.02 -0.03
N ARG B 194 -0.54 12.09 0.82
CA ARG B 194 0.26 10.90 1.09
C ARG B 194 -0.34 9.67 0.43
N LEU B 195 0.53 8.79 -0.04
CA LEU B 195 0.18 7.42 -0.40
C LEU B 195 1.18 6.49 0.25
N MET B 196 0.70 5.52 1.01
CA MET B 196 1.54 4.61 1.78
C MET B 196 1.47 3.23 1.12
N MET B 197 2.60 2.75 0.60
CA MET B 197 2.65 1.48 -0.14
C MET B 197 3.41 0.46 0.72
N TYR B 198 2.68 -0.37 1.44
CA TYR B 198 3.26 -1.39 2.32
C TYR B 198 3.34 -2.73 1.65
N GLN B 199 4.34 -3.52 2.05
CA GLN B 199 4.38 -4.95 1.74
C GLN B 199 4.34 -5.19 0.23
N GLN B 200 5.11 -4.42 -0.54
CA GLN B 200 5.14 -4.58 -2.00
C GLN B 200 6.26 -5.54 -2.44
N GLY B 201 7.48 -5.30 -2.00
CA GLY B 201 8.58 -6.17 -2.38
C GLY B 201 9.41 -5.62 -3.52
N CYS B 202 10.22 -6.52 -4.08
CA CYS B 202 11.39 -6.11 -4.84
C CYS B 202 11.06 -5.34 -6.09
N PHE B 203 9.87 -5.55 -6.69
CA PHE B 203 9.59 -4.86 -7.95
C PHE B 203 9.17 -3.41 -7.74
N ALA B 204 8.96 -2.99 -6.49
CA ALA B 204 8.17 -1.80 -6.25
C ALA B 204 8.88 -0.48 -6.54
N GLY B 205 10.20 -0.45 -6.75
CA GLY B 205 10.81 0.78 -7.26
C GLY B 205 10.24 1.17 -8.62
N GLY B 206 10.05 0.18 -9.48
CA GLY B 206 9.38 0.43 -10.75
C GLY B 206 7.95 0.87 -10.56
N THR B 207 7.25 0.24 -9.60
CA THR B 207 5.88 0.65 -9.29
C THR B 207 5.81 2.11 -8.86
N MET B 208 6.74 2.53 -8.00
CA MET B 208 6.70 3.90 -7.49
C MET B 208 6.92 4.89 -8.62
N LEU B 209 7.72 4.54 -9.60
CA LEU B 209 7.92 5.39 -10.74
C LEU B 209 6.63 5.50 -11.57
N ARG B 210 5.95 4.38 -11.73
CA ARG B 210 4.71 4.31 -12.46
C ARG B 210 3.63 5.22 -11.82
N LEU B 211 3.53 5.12 -10.53
CA LEU B 211 2.64 5.88 -9.75
C LEU B 211 2.99 7.39 -9.74
N ALA B 212 4.22 7.71 -9.47
CA ALA B 212 4.63 9.11 -9.42
C ALA B 212 4.42 9.79 -10.77
N LYS B 213 4.59 9.05 -11.87
CA LYS B 213 4.35 9.64 -13.19
C LYS B 213 2.93 10.19 -13.28
N ASP B 214 1.93 9.40 -12.86
CA ASP B 214 0.54 9.87 -12.95
C ASP B 214 0.27 10.99 -11.97
N LEU B 215 0.83 10.91 -10.75
CA LEU B 215 0.63 12.00 -9.78
C LEU B 215 1.19 13.32 -10.34
N ALA B 216 2.39 13.28 -10.91
CA ALA B 216 3.02 14.51 -11.39
C ALA B 216 2.32 15.05 -12.64
N GLU B 217 1.96 14.17 -13.56
CA GLU B 217 1.39 14.62 -14.82
C GLU B 217 -0.06 15.07 -14.67
N ASN B 218 -0.81 14.55 -13.69
CA ASN B 218 -2.21 14.97 -13.60
C ASN B 218 -2.45 16.12 -12.65
N ASN B 219 -1.42 16.62 -11.96
CA ASN B 219 -1.61 17.64 -10.93
C ASN B 219 -0.65 18.79 -11.20
N LYS B 220 -1.19 19.89 -11.70
CA LYS B 220 -0.34 20.98 -12.16
C LYS B 220 0.49 21.52 -11.01
N GLY B 221 1.80 21.65 -11.25
CA GLY B 221 2.67 22.12 -10.19
C GLY B 221 3.05 21.10 -9.14
N ALA B 222 2.51 19.87 -9.17
CA ALA B 222 2.82 18.92 -8.10
C ALA B 222 4.31 18.57 -8.08
N ARG B 223 4.83 18.38 -6.87
CA ARG B 223 6.20 17.92 -6.66
C ARG B 223 6.11 16.74 -5.69
N ILE B 224 6.50 15.55 -6.16
CA ILE B 224 6.28 14.30 -5.44
C ILE B 224 7.59 13.88 -4.81
N LEU B 225 7.61 13.75 -3.50
CA LEU B 225 8.70 13.06 -2.80
C LEU B 225 8.37 11.58 -2.74
N VAL B 226 9.20 10.74 -3.37
CA VAL B 226 9.02 9.30 -3.38
C VAL B 226 10.16 8.68 -2.58
N ILE B 227 9.81 7.80 -1.63
CA ILE B 227 10.80 7.18 -0.75
C ILE B 227 10.60 5.67 -0.78
N CYS B 228 11.67 4.94 -1.06
CA CYS B 228 11.74 3.49 -0.87
C CYS B 228 12.75 3.20 0.23
N ALA B 229 12.30 2.64 1.34
CA ALA B 229 13.16 2.39 2.50
C ALA B 229 12.98 0.94 2.95
N GLU B 230 14.09 0.20 3.06
CA GLU B 230 14.00 -1.25 3.24
C GLU B 230 15.03 -1.72 4.26
N SER B 231 14.65 -2.75 5.01
CA SER B 231 15.58 -3.37 5.96
C SER B 231 15.38 -4.88 6.02
N SER B 232 16.49 -5.62 5.93
CA SER B 232 16.48 -7.06 6.10
C SER B 232 16.12 -7.48 7.51
N ALA B 233 15.98 -6.54 8.44
CA ALA B 233 15.61 -6.92 9.80
C ALA B 233 14.25 -7.59 9.88
N ILE B 234 13.40 -7.43 8.86
CA ILE B 234 12.08 -8.05 8.89
C ILE B 234 12.18 -9.55 8.65
N GLY B 235 13.25 -10.00 7.99
CA GLY B 235 13.43 -11.39 7.63
C GLY B 235 14.68 -12.05 8.21
N PHE B 236 15.48 -11.31 8.95
CA PHE B 236 16.66 -11.91 9.58
C PHE B 236 16.26 -13.02 10.56
N ARG B 237 16.92 -14.17 10.46
CA ARG B 237 16.69 -15.22 11.45
C ARG B 237 17.91 -16.15 11.46
N GLY B 238 18.02 -16.94 12.52
CA GLY B 238 19.08 -17.93 12.63
C GLY B 238 18.97 -19.06 11.63
N PRO B 239 20.05 -19.83 11.48
CA PRO B 239 20.06 -20.91 10.49
C PRO B 239 19.39 -22.18 11.01
N SER B 240 19.02 -23.03 10.07
CA SER B 240 18.35 -24.29 10.39
C SER B 240 18.71 -25.30 9.31
N GLU B 241 19.16 -26.48 9.73
CA GLU B 241 19.51 -27.52 8.76
C GLU B 241 18.29 -28.10 8.06
N SER B 242 17.10 -27.90 8.62
CA SER B 242 15.89 -28.32 7.91
C SER B 242 15.34 -27.21 7.01
N HIS B 243 15.98 -26.04 6.94
CA HIS B 243 15.55 -24.95 6.06
C HIS B 243 16.76 -24.28 5.41
N VAL B 244 17.52 -25.07 4.65
CA VAL B 244 18.75 -24.57 4.05
C VAL B 244 18.46 -23.47 3.05
N ASP B 245 17.31 -23.54 2.37
CA ASP B 245 17.00 -22.54 1.36
C ASP B 245 16.89 -21.11 1.93
N ASN B 246 16.58 -20.96 3.23
CA ASN B 246 16.51 -19.62 3.83
C ASN B 246 17.87 -18.95 3.93
N LEU B 247 18.95 -19.74 3.84
CA LEU B 247 20.28 -19.15 3.86
C LEU B 247 20.48 -18.19 2.69
N VAL B 248 19.86 -18.47 1.54
CA VAL B 248 19.91 -17.55 0.41
C VAL B 248 19.46 -16.15 0.84
N ALA B 249 18.32 -16.08 1.54
CA ALA B 249 17.82 -14.79 2.00
C ALA B 249 18.80 -14.16 2.99
N GLN B 250 19.39 -14.97 3.86
CA GLN B 250 20.32 -14.41 4.84
C GLN B 250 21.61 -13.90 4.21
N ALA B 251 21.93 -14.40 3.04
CA ALA B 251 23.09 -13.98 2.34
C ALA B 251 22.91 -12.72 1.47
N LEU B 252 21.69 -12.51 1.04
CA LEU B 252 21.35 -11.52 0.09
C LEU B 252 20.87 -10.11 0.45
N PHE B 253 19.97 -10.02 1.39
CA PHE B 253 19.36 -8.77 1.72
C PHE B 253 20.12 -7.78 2.58
N GLY B 254 20.08 -6.51 2.19
CA GLY B 254 20.70 -5.45 2.96
C GLY B 254 19.73 -4.31 3.18
N ASP B 255 20.22 -3.25 3.79
CA ASP B 255 19.35 -2.17 4.23
C ASP B 255 19.73 -0.86 3.55
N GLY B 256 18.72 -0.04 3.26
CA GLY B 256 18.99 1.25 2.64
C GLY B 256 17.69 1.92 2.25
N ALA B 257 17.81 3.21 1.94
CA ALA B 257 16.66 3.99 1.51
C ALA B 257 17.08 4.92 0.38
N ALA B 258 16.19 5.11 -0.57
CA ALA B 258 16.39 6.02 -1.69
C ALA B 258 15.19 6.93 -1.78
N ALA B 259 15.44 8.18 -2.17
CA ALA B 259 14.39 9.18 -2.31
C ALA B 259 14.57 9.92 -3.63
N ILE B 260 13.45 10.21 -4.30
CA ILE B 260 13.50 11.01 -5.52
C ILE B 260 12.44 12.09 -5.42
N ILE B 261 12.69 13.20 -6.11
CA ILE B 261 11.68 14.23 -6.34
C ILE B 261 11.21 14.09 -7.77
N VAL B 262 9.89 14.02 -7.98
CA VAL B 262 9.32 13.86 -9.31
C VAL B 262 8.39 15.03 -9.58
N GLY B 263 8.43 15.56 -10.80
CA GLY B 263 7.54 16.65 -11.16
C GLY B 263 7.56 16.89 -12.65
N SER B 264 6.47 17.47 -13.15
CA SER B 264 6.41 17.93 -14.52
C SER B 264 6.67 19.44 -14.57
N ASN B 265 7.08 19.91 -15.75
CA ASN B 265 7.22 21.35 -16.00
C ASN B 265 8.29 21.98 -15.11
N PRO B 266 9.56 21.68 -15.36
CA PRO B 266 10.61 22.13 -14.45
C PRO B 266 10.82 23.64 -14.51
N LYS B 267 11.20 24.21 -13.37
CA LYS B 267 11.38 25.67 -13.30
C LYS B 267 12.71 26.05 -13.94
N PRO B 268 12.71 26.83 -15.02
CA PRO B 268 13.97 27.13 -15.71
C PRO B 268 14.94 27.85 -14.80
N GLY B 269 16.20 27.42 -14.85
CA GLY B 269 17.23 27.96 -14.00
C GLY B 269 17.12 27.64 -12.53
N LEU B 270 16.11 26.90 -12.10
CA LEU B 270 16.02 26.50 -10.71
C LEU B 270 16.10 25.00 -10.53
N GLU B 271 15.33 24.23 -11.30
CA GLU B 271 15.35 22.78 -11.21
C GLU B 271 16.20 22.24 -12.34
N LYS B 272 16.84 21.09 -12.09
CA LYS B 272 17.71 20.47 -13.09
C LYS B 272 17.28 19.02 -13.27
N PRO B 273 16.46 18.72 -14.27
CA PRO B 273 15.97 17.35 -14.46
C PRO B 273 17.12 16.38 -14.64
N VAL B 274 16.96 15.19 -14.09
CA VAL B 274 17.95 14.11 -14.20
C VAL B 274 17.51 13.04 -15.20
N PHE B 275 16.25 12.63 -15.14
CA PHE B 275 15.68 11.66 -16.06
C PHE B 275 14.24 12.07 -16.34
N GLU B 276 13.72 11.57 -17.45
CA GLU B 276 12.31 11.69 -17.77
C GLU B 276 11.69 10.31 -17.69
N ILE B 277 10.52 10.20 -17.06
CA ILE B 277 9.83 8.92 -17.02
C ILE B 277 8.95 8.87 -18.27
N VAL B 278 9.41 8.15 -19.28
CA VAL B 278 8.71 8.12 -20.55
C VAL B 278 7.47 7.23 -20.47
N SER B 279 7.60 6.05 -19.86
CA SER B 279 6.44 5.16 -19.77
C SER B 279 6.74 4.14 -18.69
N ALA B 280 5.67 3.49 -18.20
CA ALA B 280 5.85 2.50 -17.14
C ALA B 280 4.73 1.48 -17.25
N ALA B 281 5.07 0.20 -17.15
CA ALA B 281 4.04 -0.83 -17.29
C ALA B 281 4.44 -2.04 -16.45
N GLN B 282 3.44 -2.69 -15.88
CA GLN B 282 3.60 -3.87 -15.04
C GLN B 282 3.04 -5.08 -15.78
N THR B 283 3.60 -6.25 -15.48
CA THR B 283 2.98 -7.51 -15.87
C THR B 283 3.39 -8.55 -14.84
N PHE B 284 2.91 -9.78 -15.00
CA PHE B 284 3.54 -10.86 -14.24
C PHE B 284 3.53 -12.14 -15.08
N VAL B 285 4.42 -13.06 -14.72
CA VAL B 285 4.48 -14.39 -15.34
C VAL B 285 3.44 -15.29 -14.69
N PRO B 286 2.48 -15.82 -15.45
CA PRO B 286 1.44 -16.66 -14.83
C PRO B 286 2.04 -17.83 -14.04
N ASN B 287 1.48 -18.08 -12.86
CA ASN B 287 1.92 -19.03 -11.85
C ASN B 287 3.19 -18.61 -11.12
N GLY B 288 3.62 -17.35 -11.27
CA GLY B 288 4.84 -16.91 -10.61
C GLY B 288 4.78 -16.97 -9.10
N ASP B 289 3.59 -16.95 -8.50
CA ASP B 289 3.50 -17.03 -7.05
C ASP B 289 3.91 -18.39 -6.51
N CYS B 290 3.91 -19.42 -7.37
CA CYS B 290 4.49 -20.71 -6.98
C CYS B 290 6.00 -20.67 -6.93
N HIS B 291 6.60 -19.67 -7.56
CA HIS B 291 8.05 -19.59 -7.56
C HIS B 291 8.63 -18.53 -6.66
N LEU B 292 7.89 -17.47 -6.34
CA LEU B 292 8.48 -16.38 -5.55
C LEU B 292 7.41 -15.77 -4.68
N ALA B 293 7.55 -15.92 -3.36
CA ALA B 293 6.52 -15.45 -2.45
C ALA B 293 7.12 -15.25 -1.07
N LEU B 294 6.55 -14.32 -0.31
CA LEU B 294 7.01 -13.99 1.03
C LEU B 294 5.79 -13.75 1.91
N HIS B 295 5.74 -14.38 3.07
CA HIS B 295 4.58 -14.29 3.94
C HIS B 295 4.96 -13.64 5.24
N LEU B 296 4.09 -12.76 5.76
CA LEU B 296 4.35 -12.12 7.04
C LEU B 296 3.68 -12.94 8.12
N ARG B 297 4.47 -13.47 9.05
CA ARG B 297 4.04 -14.45 10.04
C ARG B 297 4.45 -13.97 11.42
N GLU B 298 4.10 -14.75 12.45
CA GLU B 298 4.56 -14.42 13.79
C GLU B 298 6.09 -14.46 13.88
N MET B 299 6.74 -15.24 13.02
CA MET B 299 8.19 -15.30 12.98
C MET B 299 8.81 -14.23 12.07
N GLY B 300 8.05 -13.22 11.67
CA GLY B 300 8.57 -12.24 10.69
C GLY B 300 8.29 -12.67 9.26
N LEU B 301 9.09 -12.15 8.36
CA LEU B 301 8.85 -12.36 6.93
C LEU B 301 9.55 -13.63 6.48
N THR B 302 8.81 -14.50 5.79
CA THR B 302 9.39 -15.72 5.26
C THR B 302 9.78 -15.52 3.80
N PHE B 303 10.43 -16.53 3.23
CA PHE B 303 11.08 -16.40 1.93
C PHE B 303 10.93 -17.70 1.15
N HIS B 304 10.21 -17.64 0.03
CA HIS B 304 10.02 -18.81 -0.83
C HIS B 304 10.48 -18.42 -2.23
N CYS B 305 11.54 -19.06 -2.70
CA CYS B 305 12.13 -18.69 -3.99
C CYS B 305 12.68 -19.96 -4.63
N THR B 306 12.13 -20.40 -5.73
CA THR B 306 12.64 -21.58 -6.33
C THR B 306 13.80 -21.33 -7.27
N LYS B 307 14.47 -22.40 -7.64
CA LYS B 307 15.58 -22.34 -8.53
C LYS B 307 15.15 -21.95 -9.92
N ASP B 308 13.89 -22.05 -10.22
CA ASP B 308 13.39 -21.65 -11.53
C ASP B 308 13.27 -20.13 -11.71
N VAL B 309 13.47 -19.35 -10.65
CA VAL B 309 13.19 -17.91 -10.71
C VAL B 309 14.10 -17.19 -11.71
N PRO B 310 15.43 -17.30 -11.62
CA PRO B 310 16.28 -16.54 -12.56
C PRO B 310 15.98 -16.86 -14.02
N PRO B 311 15.91 -18.13 -14.43
CA PRO B 311 15.65 -18.39 -15.86
C PRO B 311 14.25 -17.98 -16.31
N THR B 312 13.25 -18.09 -15.45
CA THR B 312 11.91 -17.65 -15.84
C THR B 312 11.86 -16.13 -16.04
N ILE B 313 12.48 -15.38 -15.12
CA ILE B 313 12.57 -13.92 -15.32
C ILE B 313 13.30 -13.62 -16.63
N ALA B 314 14.48 -14.20 -16.79
CA ALA B 314 15.33 -13.88 -17.93
C ALA B 314 14.62 -14.16 -19.24
N LYS B 315 13.86 -15.26 -19.31
CA LYS B 315 13.18 -15.56 -20.55
C LYS B 315 11.93 -14.72 -20.74
N ASN B 316 11.45 -14.02 -19.71
CA ASN B 316 10.30 -13.15 -19.96
C ASN B 316 10.63 -11.68 -20.16
N VAL B 317 11.87 -11.23 -19.92
CA VAL B 317 12.11 -9.78 -20.01
C VAL B 317 12.02 -9.26 -21.45
N GLU B 318 12.34 -10.06 -22.46
CA GLU B 318 12.38 -9.51 -23.81
C GLU B 318 10.99 -9.10 -24.29
N SER B 319 9.95 -9.85 -23.94
CA SER B 319 8.62 -9.42 -24.37
C SER B 319 8.20 -8.12 -23.67
N CYS B 320 8.67 -7.90 -22.44
CA CYS B 320 8.39 -6.62 -21.76
C CYS B 320 9.08 -5.47 -22.49
N LEU B 321 10.35 -5.70 -22.86
CA LEU B 321 11.10 -4.67 -23.59
C LEU B 321 10.42 -4.35 -24.92
N THR B 322 10.03 -5.38 -25.66
CA THR B 322 9.39 -5.15 -26.95
C THR B 322 8.10 -4.37 -26.78
N LYS B 323 7.26 -4.73 -25.80
CA LYS B 323 6.02 -3.99 -25.63
C LYS B 323 6.27 -2.53 -25.28
N ALA B 324 7.30 -2.25 -24.47
CA ALA B 324 7.57 -0.88 -24.06
C ALA B 324 8.25 -0.06 -25.15
N LEU B 325 9.11 -0.67 -25.97
CA LEU B 325 10.04 0.09 -26.79
C LEU B 325 9.71 0.09 -28.27
N GLU B 326 9.01 -0.93 -28.76
CA GLU B 326 8.54 -0.91 -30.14
C GLU B 326 7.75 0.36 -30.48
N PRO B 327 6.84 0.88 -29.63
CA PRO B 327 6.16 2.15 -29.97
C PRO B 327 7.10 3.33 -30.10
N LEU B 328 8.28 3.27 -29.52
CA LEU B 328 9.29 4.32 -29.69
C LEU B 328 10.23 4.02 -30.85
N GLY B 329 10.05 2.88 -31.50
CA GLY B 329 10.90 2.50 -32.61
C GLY B 329 12.27 2.03 -32.20
N ILE B 330 12.41 1.42 -31.02
CA ILE B 330 13.69 0.93 -30.52
C ILE B 330 13.61 -0.59 -30.42
N SER B 331 14.59 -1.28 -31.01
CA SER B 331 14.66 -2.72 -30.92
C SER B 331 16.03 -3.25 -30.56
N ASP B 332 17.04 -2.39 -30.51
CA ASP B 332 18.42 -2.76 -30.20
C ASP B 332 18.66 -2.45 -28.72
N TRP B 333 18.66 -3.50 -27.88
CA TRP B 333 18.78 -3.28 -26.45
C TRP B 333 20.13 -2.75 -26.03
N ASN B 334 21.17 -2.88 -26.88
CA ASN B 334 22.43 -2.24 -26.52
C ASN B 334 22.46 -0.75 -26.87
N SER B 335 21.44 -0.22 -27.54
CA SER B 335 21.38 1.23 -27.71
C SER B 335 20.81 1.95 -26.49
N LEU B 336 20.50 1.23 -25.43
CA LEU B 336 19.89 1.75 -24.21
C LEU B 336 20.90 1.78 -23.07
N PHE B 337 20.69 2.69 -22.11
CA PHE B 337 21.32 2.47 -20.82
C PHE B 337 20.38 1.63 -19.95
N TRP B 338 20.93 0.98 -18.92
CA TRP B 338 20.24 -0.13 -18.24
C TRP B 338 20.25 0.04 -16.73
N ILE B 339 19.12 -0.23 -16.12
CA ILE B 339 18.95 -0.30 -14.70
C ILE B 339 18.17 -1.61 -14.47
N LEU B 340 18.81 -2.55 -13.81
CA LEU B 340 18.22 -3.83 -13.51
C LEU B 340 18.19 -4.14 -12.02
N HIS B 341 17.05 -4.55 -11.51
CA HIS B 341 16.93 -4.89 -10.13
C HIS B 341 17.86 -6.10 -9.91
N PRO B 342 18.84 -5.96 -9.04
CA PRO B 342 19.79 -7.07 -8.86
C PRO B 342 19.26 -8.09 -7.86
N GLY B 343 18.20 -8.80 -8.25
CA GLY B 343 17.56 -9.74 -7.32
C GLY B 343 18.56 -10.77 -6.82
N GLY B 344 19.49 -11.16 -7.66
CA GLY B 344 20.68 -11.89 -7.26
C GLY B 344 21.61 -11.90 -8.45
N ASN B 345 22.85 -12.28 -8.20
CA ASN B 345 23.84 -12.24 -9.27
C ASN B 345 23.43 -13.10 -10.45
N ALA B 346 22.80 -14.25 -10.18
CA ALA B 346 22.44 -15.16 -11.27
C ALA B 346 21.45 -14.49 -12.22
N ILE B 347 20.53 -13.69 -11.69
CA ILE B 347 19.56 -13.03 -12.56
C ILE B 347 20.27 -12.00 -13.44
N VAL B 348 21.19 -11.23 -12.86
CA VAL B 348 21.94 -10.26 -13.64
C VAL B 348 22.65 -10.95 -14.79
N ASP B 349 23.37 -12.04 -14.49
CA ASP B 349 24.10 -12.77 -15.54
C ASP B 349 23.14 -13.32 -16.59
N GLN B 350 22.02 -13.89 -16.16
CA GLN B 350 21.15 -14.53 -17.13
C GLN B 350 20.39 -13.53 -17.99
N VAL B 351 20.07 -12.35 -17.46
CA VAL B 351 19.48 -11.32 -18.30
C VAL B 351 20.50 -10.84 -19.32
N GLU B 352 21.71 -10.52 -18.86
CA GLU B 352 22.79 -10.16 -19.79
C GLU B 352 22.90 -11.18 -20.92
N ASN B 353 22.92 -12.48 -20.56
CA ASN B 353 23.15 -13.53 -21.56
C ASN B 353 21.94 -13.70 -22.48
N LYS B 354 20.74 -13.70 -21.92
CA LYS B 354 19.55 -13.89 -22.75
C LYS B 354 19.34 -12.74 -23.71
N LEU B 355 19.69 -11.52 -23.32
CA LEU B 355 19.45 -10.38 -24.19
C LEU B 355 20.66 -10.04 -25.04
N GLY B 356 21.80 -10.67 -24.79
CA GLY B 356 23.00 -10.30 -25.51
C GLY B 356 23.47 -8.89 -25.25
N LEU B 357 23.38 -8.44 -24.00
CA LEU B 357 23.87 -7.11 -23.66
C LEU B 357 25.39 -7.11 -23.59
N GLU B 358 25.99 -5.99 -23.99
CA GLU B 358 27.42 -5.79 -23.74
C GLU B 358 27.67 -5.83 -22.26
N HIS B 359 28.86 -6.31 -21.88
CA HIS B 359 29.08 -6.67 -20.49
C HIS B 359 29.06 -5.47 -19.57
N GLU B 360 29.36 -4.30 -20.10
CA GLU B 360 29.38 -3.10 -19.27
C GLU B 360 27.99 -2.49 -19.05
N LYS B 361 26.97 -2.94 -19.78
CA LYS B 361 25.63 -2.36 -19.63
C LYS B 361 25.13 -2.46 -18.19
N LEU B 362 25.34 -3.60 -17.54
CA LEU B 362 24.84 -3.82 -16.18
C LEU B 362 25.88 -3.49 -15.11
N ARG B 363 26.88 -2.67 -15.45
CA ARG B 363 27.92 -2.30 -14.48
C ARG B 363 27.35 -1.53 -13.29
N ALA B 364 26.53 -0.51 -13.52
CA ALA B 364 25.96 0.23 -12.38
C ALA B 364 25.15 -0.70 -11.46
N THR B 365 24.37 -1.60 -12.06
CA THR B 365 23.63 -2.61 -11.31
C THR B 365 24.55 -3.45 -10.45
N ARG B 366 25.64 -3.96 -11.04
CA ARG B 366 26.58 -4.79 -10.29
C ARG B 366 27.30 -3.98 -9.21
N ASN B 367 27.59 -2.70 -9.48
CA ASN B 367 28.19 -1.86 -8.45
C ASN B 367 27.30 -1.77 -7.23
N ILE B 368 26.00 -1.59 -7.45
CA ILE B 368 25.13 -1.44 -6.29
C ILE B 368 24.99 -2.78 -5.55
N LEU B 369 24.81 -3.88 -6.28
CA LEU B 369 24.78 -5.19 -5.64
C LEU B 369 26.04 -5.42 -4.80
N ARG B 370 27.20 -5.05 -5.35
CA ARG B 370 28.47 -5.22 -4.64
C ARG B 370 28.50 -4.39 -3.36
N ASP B 371 28.12 -3.12 -3.45
CA ASP B 371 28.33 -2.25 -2.30
C ASP B 371 27.21 -2.30 -1.28
N PHE B 372 26.05 -2.83 -1.62
CA PHE B 372 24.95 -2.73 -0.66
C PHE B 372 24.11 -3.98 -0.52
N GLY B 373 24.31 -4.98 -1.39
CA GLY B 373 23.42 -6.13 -1.46
C GLY B 373 22.05 -5.75 -2.01
N ASN B 374 21.11 -6.66 -1.79
CA ASN B 374 19.75 -6.53 -2.31
C ASN B 374 18.93 -5.73 -1.31
N MET B 375 18.66 -4.46 -1.62
CA MET B 375 17.85 -3.61 -0.76
C MET B 375 16.40 -3.51 -1.24
N SER B 376 15.90 -4.58 -1.86
CA SER B 376 14.49 -4.72 -2.25
C SER B 376 14.10 -3.52 -3.12
N SER B 377 13.01 -2.82 -2.82
CA SER B 377 12.50 -1.81 -3.77
C SER B 377 13.48 -0.65 -3.95
N ALA B 378 14.36 -0.38 -2.99
CA ALA B 378 15.26 0.75 -3.12
C ALA B 378 16.36 0.53 -4.15
N CYS B 379 16.69 -0.72 -4.49
CA CYS B 379 17.86 -1.00 -5.34
C CYS B 379 17.85 -0.19 -6.64
N VAL B 380 16.76 -0.25 -7.40
CA VAL B 380 16.80 0.37 -8.72
C VAL B 380 16.97 1.88 -8.61
N LEU B 381 16.59 2.49 -7.49
CA LEU B 381 16.83 3.93 -7.35
C LEU B 381 18.27 4.24 -6.95
N PHE B 382 18.91 3.41 -6.12
CA PHE B 382 20.36 3.52 -5.95
C PHE B 382 21.07 3.40 -7.27
N ILE B 383 20.62 2.47 -8.12
CA ILE B 383 21.28 2.25 -9.41
C ILE B 383 21.04 3.44 -10.35
N LEU B 384 19.86 4.04 -10.30
CA LEU B 384 19.63 5.26 -11.07
C LEU B 384 20.62 6.35 -10.65
N ASP B 385 20.78 6.53 -9.34
CA ASP B 385 21.76 7.48 -8.86
C ASP B 385 23.17 7.11 -9.33
N GLU B 386 23.50 5.83 -9.26
CA GLU B 386 24.85 5.37 -9.59
C GLU B 386 25.15 5.56 -11.07
N ILE B 387 24.16 5.29 -11.93
CA ILE B 387 24.38 5.42 -13.35
C ILE B 387 24.62 6.89 -13.73
N ARG B 388 23.91 7.85 -13.09
CA ARG B 388 24.27 9.22 -13.46
C ARG B 388 25.59 9.68 -12.82
N LYS B 389 25.92 9.18 -11.63
CA LYS B 389 27.23 9.51 -11.05
C LYS B 389 28.37 8.95 -11.90
N LYS B 390 28.24 7.71 -12.35
CA LYS B 390 29.25 7.08 -13.20
C LYS B 390 29.36 7.79 -14.54
N SER B 391 28.23 8.27 -15.06
CA SER B 391 28.25 9.08 -16.27
C SER B 391 29.10 10.34 -16.06
N ALA B 392 28.88 11.05 -14.95
CA ALA B 392 29.71 12.22 -14.68
C ALA B 392 31.19 11.82 -14.52
N ARG B 393 31.49 10.75 -13.79
CA ARG B 393 32.87 10.32 -13.61
C ARG B 393 33.56 10.03 -14.94
N ASP B 394 32.88 9.31 -15.83
CA ASP B 394 33.44 8.97 -17.13
C ASP B 394 33.42 10.15 -18.11
N GLY B 395 33.04 11.35 -17.68
CA GLY B 395 32.94 12.48 -18.59
C GLY B 395 31.97 12.31 -19.74
N LEU B 396 30.89 11.55 -19.56
CA LEU B 396 29.89 11.36 -20.62
C LEU B 396 28.88 12.50 -20.61
N LYS B 397 28.18 12.69 -21.71
CA LYS B 397 27.41 13.91 -21.85
C LYS B 397 25.96 13.82 -21.41
N THR B 398 25.39 12.65 -21.13
CA THR B 398 24.04 12.57 -20.55
C THR B 398 24.08 11.77 -19.26
N THR B 399 23.03 11.92 -18.45
CA THR B 399 22.91 11.15 -17.21
C THR B 399 22.75 9.67 -17.47
N GLY B 400 22.51 9.28 -18.72
CA GLY B 400 22.39 7.88 -19.07
C GLY B 400 23.56 7.35 -19.87
N GLU B 401 24.79 7.53 -19.36
CA GLU B 401 25.99 7.00 -20.02
C GLU B 401 26.14 7.55 -21.43
N GLY B 402 25.73 8.81 -21.62
CA GLY B 402 25.78 9.42 -22.93
C GLY B 402 24.72 8.98 -23.89
N LEU B 403 23.80 8.11 -23.48
CA LEU B 403 22.73 7.67 -24.36
C LEU B 403 21.45 8.44 -24.03
N ASP B 404 20.49 8.39 -24.95
CA ASP B 404 19.22 9.11 -24.83
C ASP B 404 18.18 8.30 -24.05
N PHE B 405 17.89 7.08 -24.50
CA PHE B 405 16.86 6.25 -23.91
C PHE B 405 17.47 5.15 -23.05
N GLY B 406 16.75 4.81 -21.98
CA GLY B 406 17.17 3.76 -21.09
C GLY B 406 15.97 2.95 -20.61
N VAL B 407 16.25 1.84 -19.97
CA VAL B 407 15.19 1.00 -19.43
C VAL B 407 15.52 0.63 -17.99
N LEU B 408 14.52 0.64 -17.17
CA LEU B 408 14.62 0.26 -15.80
C LEU B 408 13.65 -0.90 -15.67
N LEU B 409 14.18 -2.00 -15.21
CA LEU B 409 13.43 -3.21 -15.09
C LEU B 409 13.57 -3.86 -13.72
N SER B 410 12.46 -4.08 -13.06
CA SER B 410 12.45 -4.66 -11.76
C SER B 410 11.51 -5.85 -11.67
N PHE B 411 11.65 -6.66 -10.66
CA PHE B 411 10.81 -7.84 -10.61
C PHE B 411 10.74 -8.29 -9.15
N GLY B 412 9.75 -9.11 -8.83
CA GLY B 412 9.54 -9.45 -7.44
C GLY B 412 8.44 -10.48 -7.29
N PRO B 413 7.84 -10.53 -6.10
CA PRO B 413 6.90 -11.61 -5.77
C PRO B 413 5.82 -11.81 -6.82
N GLY B 414 5.47 -13.07 -7.04
CA GLY B 414 4.53 -13.39 -8.09
C GLY B 414 5.13 -13.43 -9.46
N LEU B 415 6.45 -13.26 -9.56
CA LEU B 415 7.12 -12.96 -10.82
C LEU B 415 6.45 -11.76 -11.51
N THR B 416 6.09 -10.78 -10.70
CA THR B 416 5.74 -9.46 -11.22
C THR B 416 6.97 -8.83 -11.85
N ILE B 417 6.81 -8.21 -13.01
CA ILE B 417 7.86 -7.46 -13.69
C ILE B 417 7.36 -6.04 -13.97
N GLU B 418 8.15 -5.03 -13.57
CA GLU B 418 7.87 -3.62 -13.89
C GLU B 418 8.89 -3.15 -14.92
N THR B 419 8.42 -2.47 -15.97
CA THR B 419 9.28 -1.99 -17.07
C THR B 419 9.04 -0.49 -17.22
N VAL B 420 10.09 0.30 -16.98
CA VAL B 420 10.01 1.76 -17.05
C VAL B 420 10.97 2.23 -18.14
N VAL B 421 10.46 2.95 -19.14
CA VAL B 421 11.33 3.56 -20.14
C VAL B 421 11.73 4.95 -19.63
N LEU B 422 13.01 5.23 -19.67
CA LEU B 422 13.56 6.49 -19.20
C LEU B 422 14.21 7.23 -20.36
N HIS B 423 14.26 8.55 -20.24
CA HIS B 423 15.07 9.35 -21.15
C HIS B 423 16.08 10.10 -20.30
N SER B 424 17.33 10.13 -20.75
CA SER B 424 18.34 10.84 -19.99
C SER B 424 18.23 12.35 -20.22
N LYS B 425 19.08 13.10 -19.53
CA LYS B 425 19.15 14.56 -19.56
C LYS B 425 20.61 14.95 -19.66
N PRO B 426 20.89 16.18 -20.10
CA PRO B 426 22.29 16.62 -20.21
C PRO B 426 22.97 16.62 -18.85
N ILE B 427 24.23 16.18 -18.84
CA ILE B 427 24.89 15.81 -17.58
C ILE B 427 25.08 16.99 -16.64
#